data_3E65
#
_entry.id   3E65
#
_cell.length_a   213.935
_cell.length_b   213.935
_cell.length_c   117.025
_cell.angle_alpha   90.00
_cell.angle_beta   90.00
_cell.angle_gamma   120.00
#
_symmetry.space_group_name_H-M   'P 61 2 2'
#
loop_
_entity.id
_entity.type
_entity.pdbx_description
1 polymer 'Nitric oxide synthase, inducible'
2 non-polymer 'PROTOPORPHYRIN IX CONTAINING FE'
3 non-polymer 5,6,7,8-TETRAHYDROBIOPTERIN
4 non-polymer "1-[4-(AMINOMETHYL)BENZOYL]-5'-FLUORO-1'H-SPIRO[PIPERIDINE-4,2'-QUINAZOLIN]-4'-AMINE"
5 water water
#
_entity_poly.entity_id   1
_entity_poly.type   'polypeptide(L)'
_entity_poly.pdbx_seq_one_letter_code
;LDKLHVTSTRPQYVRIKNWGSGEILHDTLHHKATSDFTCKSKSCLGSIMNPKSLTRGPRDKPTPLEELLPHAIEFINQYY
GSFKEAKIEEHLARLEAVTKEIETTGTYQLTLDELIFATKMAWRNAPRCIGRIQWSNLQVFDARNCSTAQEMFQHICRHI
LYATNNGNIRSAITVFPQRSDGKHDFRLWNSQLIRYAGYQMPDGTIRGDAATLEFTQLCIDLGWKPRYGRFDVLPLVLQA
DGQDPEVFEIPPDLVLEVTMEHPKYEWFQELGLKWYALPAVANMLLEVGGLEFPACPFNGWYMGTEIGVRDFCDTQRYNI
LEEVGRRMGLETHTLASLWKDRAVTEINVAVLHSFQKQNVTIMDHHTASESFMKHMQNEYRARGGCPADWIWLVPPVSGS
ITPVFHQEMLNYVLSPFYYYQIEPWKTHIWQNE
;
_entity_poly.pdbx_strand_id   A,B
#
loop_
_chem_comp.id
_chem_comp.type
_chem_comp.name
_chem_comp.formula
H4B non-polymer 5,6,7,8-TETRAHYDROBIOPTERIN 'C9 H15 N5 O3'
HEM non-polymer 'PROTOPORPHYRIN IX CONTAINING FE' 'C34 H32 Fe N4 O4'
XXZ non-polymer 1-[4-(AMINOMETHYL)BENZOYL]-5'-FLUORO-1'H-SPIRO[PIPERIDINE-4,2'-QUINAZOLIN]-4'-AMINE 'C20 H22 F N5 O'
#
# COMPACT_ATOMS: atom_id res chain seq x y z
N GLN A 12 40.42 36.28 -18.29
CA GLN A 12 39.77 36.49 -19.61
C GLN A 12 39.21 35.20 -20.19
N TYR A 13 39.98 34.13 -20.11
CA TYR A 13 39.56 32.82 -20.62
C TYR A 13 40.32 31.69 -19.95
N VAL A 14 39.68 30.53 -19.87
CA VAL A 14 40.30 29.36 -19.25
C VAL A 14 40.88 28.47 -20.34
N ARG A 15 42.11 28.02 -20.13
CA ARG A 15 42.83 27.18 -21.09
C ARG A 15 42.46 25.71 -20.91
N ILE A 16 42.11 25.07 -22.02
CA ILE A 16 41.72 23.67 -22.04
C ILE A 16 42.58 22.91 -23.04
N LYS A 17 43.08 21.74 -22.64
CA LYS A 17 43.93 20.93 -23.50
C LYS A 17 43.48 19.49 -23.76
N ASN A 18 43.60 19.08 -25.02
CA ASN A 18 43.28 17.72 -25.44
C ASN A 18 44.65 17.04 -25.51
N TRP A 19 44.87 16.05 -24.64
CA TRP A 19 46.14 15.35 -24.60
C TRP A 19 46.36 14.31 -25.68
N GLY A 20 45.37 14.12 -26.54
CA GLY A 20 45.49 13.16 -27.62
C GLY A 20 45.92 13.82 -28.92
N SER A 21 45.64 15.11 -29.05
CA SER A 21 45.99 15.86 -30.27
C SER A 21 46.87 17.06 -29.95
N GLY A 22 46.97 17.38 -28.66
CA GLY A 22 47.77 18.52 -28.23
C GLY A 22 47.05 19.85 -28.39
N GLU A 23 45.90 19.82 -29.07
CA GLU A 23 45.08 21.01 -29.33
C GLU A 23 44.71 21.76 -28.05
N ILE A 24 44.70 23.08 -28.14
CA ILE A 24 44.36 23.91 -27.01
C ILE A 24 43.09 24.70 -27.35
N LEU A 25 42.27 24.95 -26.35
CA LEU A 25 41.04 25.71 -26.53
C LEU A 25 40.88 26.76 -25.42
N HIS A 26 40.30 27.89 -25.80
CA HIS A 26 40.06 28.98 -24.87
C HIS A 26 38.57 29.11 -24.55
N ASP A 27 38.22 28.87 -23.30
CA ASP A 27 36.82 28.95 -22.88
C ASP A 27 36.47 30.31 -22.31
N THR A 28 35.55 31.01 -22.98
CA THR A 28 35.08 32.32 -22.56
C THR A 28 33.62 32.24 -22.12
N LEU A 29 32.92 31.24 -22.65
CA LEU A 29 31.50 31.03 -22.37
C LEU A 29 31.18 30.83 -20.89
N HIS A 30 32.13 30.29 -20.12
CA HIS A 30 31.91 30.05 -18.70
C HIS A 30 31.61 31.33 -17.91
N HIS A 31 31.92 32.48 -18.48
CA HIS A 31 31.66 33.75 -17.80
C HIS A 31 30.16 34.00 -17.70
N LYS A 32 29.42 33.44 -18.66
CA LYS A 32 27.97 33.59 -18.70
C LYS A 32 27.30 32.55 -17.79
N ALA A 33 28.10 31.88 -16.97
CA ALA A 33 27.60 30.89 -16.02
C ALA A 33 26.76 31.62 -14.97
N THR A 34 25.98 30.87 -14.21
CA THR A 34 25.12 31.47 -13.19
C THR A 34 25.68 31.30 -11.78
N SER A 35 26.87 30.72 -11.68
CA SER A 35 27.57 30.44 -10.43
C SER A 35 26.84 29.51 -9.44
N ASP A 36 27.56 28.49 -8.98
CA ASP A 36 27.03 27.50 -8.03
C ASP A 36 27.65 27.51 -6.61
N PHE A 37 28.62 28.40 -6.35
CA PHE A 37 29.28 28.63 -5.04
C PHE A 37 30.51 27.84 -4.43
N THR A 38 30.52 26.46 -4.41
CA THR A 38 31.44 25.75 -3.57
C THR A 38 32.50 24.95 -4.24
N SER A 43 36.94 20.70 -1.56
CA SER A 43 35.91 19.62 -1.57
C SER A 43 35.01 19.85 -2.77
N CYS A 44 35.62 19.64 -3.90
CA CYS A 44 35.13 19.49 -5.28
C CYS A 44 34.16 18.32 -5.33
N LEU A 45 32.93 18.52 -5.78
CA LEU A 45 31.82 17.54 -5.67
C LEU A 45 31.46 17.02 -7.02
N GLY A 46 32.49 16.87 -7.91
CA GLY A 46 32.31 16.46 -9.28
C GLY A 46 31.63 15.14 -9.50
N SER A 47 31.95 14.16 -8.66
CA SER A 47 31.38 12.81 -8.79
C SER A 47 30.00 12.62 -8.15
N ILE A 48 29.42 13.69 -7.63
CA ILE A 48 28.09 13.61 -7.01
C ILE A 48 27.03 13.55 -8.12
N MET A 49 26.15 12.57 -8.03
CA MET A 49 25.10 12.40 -9.03
C MET A 49 24.04 13.48 -9.05
N ASN A 50 23.39 13.71 -7.91
CA ASN A 50 22.33 14.71 -7.81
C ASN A 50 22.62 15.86 -6.83
N PRO A 51 23.58 16.74 -7.18
CA PRO A 51 23.91 17.86 -6.28
C PRO A 51 22.84 18.96 -6.38
N LYS A 52 22.72 19.76 -5.33
CA LYS A 52 21.73 20.86 -5.29
C LYS A 52 21.90 21.87 -6.41
N SER A 53 23.14 22.05 -6.88
CA SER A 53 23.42 22.98 -7.96
C SER A 53 22.74 22.59 -9.27
N LEU A 54 22.42 21.30 -9.43
CA LEU A 54 21.75 20.84 -10.65
C LEU A 54 20.27 20.54 -10.41
N THR A 55 19.79 20.91 -9.22
CA THR A 55 18.39 20.68 -8.85
C THR A 55 17.61 21.98 -8.68
N ARG A 56 16.38 22.00 -9.19
CA ARG A 56 15.52 23.17 -9.06
C ARG A 56 14.24 22.69 -8.40
N GLY A 57 14.12 23.01 -7.11
CA GLY A 57 12.97 22.59 -6.32
C GLY A 57 11.63 23.28 -6.52
N PRO A 58 10.63 22.89 -5.72
CA PRO A 58 9.26 23.41 -5.75
C PRO A 58 9.12 24.80 -5.11
N ARG A 59 7.98 25.44 -5.37
CA ARG A 59 7.67 26.76 -4.84
C ARG A 59 6.23 26.79 -4.34
N ASP A 60 5.93 27.74 -3.45
CA ASP A 60 4.57 27.89 -2.92
C ASP A 60 4.02 29.29 -3.20
N LYS A 61 4.81 30.06 -3.96
CA LYS A 61 4.45 31.43 -4.34
C LYS A 61 5.06 31.73 -5.70
N PRO A 62 4.46 32.68 -6.44
CA PRO A 62 4.95 33.06 -7.77
C PRO A 62 6.36 33.61 -7.71
N THR A 63 7.03 33.64 -8.86
CA THR A 63 8.39 34.16 -8.96
C THR A 63 8.37 35.68 -8.77
N PRO A 64 9.20 36.21 -7.84
CA PRO A 64 9.29 37.65 -7.58
C PRO A 64 9.60 38.39 -8.87
N LEU A 65 8.84 39.47 -9.11
CA LEU A 65 8.99 40.27 -10.32
C LEU A 65 10.37 40.87 -10.50
N GLU A 66 11.01 41.23 -9.38
CA GLU A 66 12.35 41.81 -9.43
C GLU A 66 13.36 40.79 -9.93
N GLU A 67 13.03 39.50 -9.80
CA GLU A 67 13.90 38.43 -10.26
C GLU A 67 13.51 38.01 -11.67
N LEU A 68 12.21 37.86 -11.90
CA LEU A 68 11.68 37.43 -13.19
C LEU A 68 12.02 38.35 -14.35
N LEU A 69 11.67 39.64 -14.21
CA LEU A 69 11.90 40.61 -15.27
C LEU A 69 13.32 40.65 -15.84
N PRO A 70 14.34 40.69 -14.97
CA PRO A 70 15.72 40.72 -15.46
C PRO A 70 16.06 39.48 -16.29
N HIS A 71 15.61 38.31 -15.84
CA HIS A 71 15.86 37.05 -16.55
C HIS A 71 15.13 37.03 -17.89
N ALA A 72 13.90 37.53 -17.88
CA ALA A 72 13.08 37.58 -19.08
C ALA A 72 13.78 38.44 -20.13
N ILE A 73 14.24 39.62 -19.73
CA ILE A 73 14.94 40.54 -20.62
C ILE A 73 16.17 39.85 -21.19
N GLU A 74 16.95 39.25 -20.31
CA GLU A 74 18.15 38.52 -20.69
C GLU A 74 17.86 37.49 -21.78
N PHE A 75 16.84 36.67 -21.58
CA PHE A 75 16.47 35.64 -22.55
C PHE A 75 16.03 36.23 -23.88
N ILE A 76 15.14 37.23 -23.84
CA ILE A 76 14.66 37.86 -25.05
C ILE A 76 15.83 38.40 -25.87
N ASN A 77 16.81 38.99 -25.17
CA ASN A 77 18.00 39.53 -25.82
C ASN A 77 18.80 38.40 -26.47
N GLN A 78 18.87 37.25 -25.80
CA GLN A 78 19.58 36.09 -26.33
C GLN A 78 18.87 35.56 -27.59
N TYR A 79 17.55 35.48 -27.52
CA TYR A 79 16.74 35.00 -28.64
C TYR A 79 16.97 35.83 -29.90
N TYR A 80 16.68 37.13 -29.81
CA TYR A 80 16.87 38.02 -30.97
C TYR A 80 18.33 38.17 -31.37
N GLY A 81 19.23 37.91 -30.42
CA GLY A 81 20.64 38.00 -30.70
C GLY A 81 21.19 36.81 -31.45
N SER A 82 20.34 35.79 -31.64
CA SER A 82 20.75 34.58 -32.34
C SER A 82 20.54 34.64 -33.85
N PHE A 83 19.70 35.56 -34.29
CA PHE A 83 19.39 35.71 -35.71
C PHE A 83 20.60 36.17 -36.51
N LYS A 84 20.74 35.62 -37.72
CA LYS A 84 21.85 35.98 -38.61
C LYS A 84 21.67 37.42 -39.06
N GLU A 85 20.42 37.79 -39.32
CA GLU A 85 20.09 39.15 -39.75
C GLU A 85 19.15 39.73 -38.70
N ALA A 86 19.69 40.60 -37.86
CA ALA A 86 18.95 41.23 -36.76
C ALA A 86 17.63 41.87 -37.15
N LYS A 87 16.68 41.81 -36.23
CA LYS A 87 15.35 42.38 -36.42
C LYS A 87 15.09 43.30 -35.23
N ILE A 88 15.83 44.42 -35.24
CA ILE A 88 15.78 45.42 -34.18
C ILE A 88 14.39 45.85 -33.72
N GLU A 89 13.50 46.21 -34.65
CA GLU A 89 12.17 46.65 -34.25
C GLU A 89 11.42 45.56 -33.50
N GLU A 90 11.45 44.34 -34.02
CA GLU A 90 10.79 43.20 -33.38
C GLU A 90 11.34 43.00 -31.97
N HIS A 91 12.66 43.09 -31.86
CA HIS A 91 13.35 42.92 -30.58
C HIS A 91 12.80 43.89 -29.53
N LEU A 92 12.83 45.18 -29.85
CA LEU A 92 12.34 46.24 -28.96
C LEU A 92 10.88 46.01 -28.61
N ALA A 93 10.06 45.72 -29.62
CA ALA A 93 8.64 45.48 -29.42
C ALA A 93 8.40 44.33 -28.45
N ARG A 94 9.10 43.22 -28.66
CA ARG A 94 8.96 42.05 -27.80
C ARG A 94 9.37 42.39 -26.37
N LEU A 95 10.47 43.12 -26.21
CA LEU A 95 10.95 43.53 -24.89
C LEU A 95 9.86 44.28 -24.15
N GLU A 96 9.18 45.19 -24.86
CA GLU A 96 8.09 45.97 -24.30
C GLU A 96 6.89 45.10 -23.96
N ALA A 97 6.48 44.26 -24.91
CA ALA A 97 5.33 43.37 -24.72
C ALA A 97 5.49 42.45 -23.51
N VAL A 98 6.69 41.90 -23.35
CA VAL A 98 6.99 41.02 -22.23
C VAL A 98 6.88 41.78 -20.91
N THR A 99 7.53 42.94 -20.82
CA THR A 99 7.49 43.76 -19.62
C THR A 99 6.04 44.07 -19.21
N LYS A 100 5.26 44.54 -20.17
CA LYS A 100 3.86 44.88 -19.93
C LYS A 100 3.06 43.66 -19.48
N GLU A 101 3.34 42.52 -20.10
CA GLU A 101 2.65 41.27 -19.77
C GLU A 101 3.00 40.86 -18.34
N ILE A 102 4.26 41.02 -17.97
CA ILE A 102 4.73 40.67 -16.63
C ILE A 102 4.06 41.57 -15.57
N GLU A 103 3.98 42.86 -15.86
CA GLU A 103 3.36 43.83 -14.95
C GLU A 103 1.85 43.58 -14.80
N THR A 104 1.17 43.30 -15.90
CA THR A 104 -0.26 43.08 -15.89
C THR A 104 -0.71 41.67 -15.50
N THR A 105 0.13 40.66 -15.72
CA THR A 105 -0.26 39.28 -15.39
C THR A 105 0.57 38.63 -14.28
N GLY A 106 1.78 39.12 -14.08
CA GLY A 106 2.64 38.55 -13.05
C GLY A 106 3.62 37.54 -13.62
N THR A 107 3.54 37.33 -14.92
CA THR A 107 4.40 36.39 -15.64
C THR A 107 4.24 36.67 -17.13
N TYR A 108 4.72 35.76 -17.98
CA TYR A 108 4.58 35.95 -19.41
C TYR A 108 4.64 34.64 -20.19
N GLN A 109 4.12 34.67 -21.41
CA GLN A 109 4.09 33.51 -22.27
C GLN A 109 5.12 33.62 -23.40
N LEU A 110 5.90 32.57 -23.60
CA LEU A 110 6.88 32.55 -24.66
C LEU A 110 6.17 32.27 -25.99
N THR A 111 6.68 32.83 -27.09
CA THR A 111 6.09 32.54 -28.39
C THR A 111 6.58 31.12 -28.73
N LEU A 112 5.94 30.47 -29.69
CA LEU A 112 6.34 29.12 -30.10
C LEU A 112 7.80 29.08 -30.52
N ASP A 113 8.21 30.05 -31.33
CA ASP A 113 9.59 30.13 -31.80
C ASP A 113 10.57 30.30 -30.65
N GLU A 114 10.19 31.08 -29.64
CA GLU A 114 11.05 31.30 -28.48
C GLU A 114 11.18 30.00 -27.69
N LEU A 115 10.09 29.26 -27.59
CA LEU A 115 10.11 27.99 -26.86
C LEU A 115 11.01 26.98 -27.56
N ILE A 116 10.90 26.93 -28.89
CA ILE A 116 11.71 26.02 -29.70
C ILE A 116 13.19 26.35 -29.46
N PHE A 117 13.52 27.63 -29.53
CA PHE A 117 14.89 28.10 -29.33
C PHE A 117 15.34 27.72 -27.91
N ALA A 118 14.47 27.92 -26.94
CA ALA A 118 14.77 27.61 -25.56
C ALA A 118 15.06 26.13 -25.33
N THR A 119 14.26 25.26 -25.93
CA THR A 119 14.44 23.81 -25.76
C THR A 119 15.75 23.34 -26.36
N LYS A 120 16.10 23.88 -27.52
CA LYS A 120 17.35 23.51 -28.20
C LYS A 120 18.56 24.06 -27.44
N MET A 121 18.45 25.29 -26.94
CA MET A 121 19.54 25.92 -26.19
C MET A 121 19.78 25.19 -24.88
N ALA A 122 18.70 24.77 -24.22
CA ALA A 122 18.84 24.04 -22.98
C ALA A 122 19.51 22.69 -23.27
N TRP A 123 19.23 22.10 -24.43
CA TRP A 123 19.86 20.83 -24.83
C TRP A 123 21.35 21.11 -25.03
N ARG A 124 21.67 22.16 -25.79
CA ARG A 124 23.07 22.55 -26.03
C ARG A 124 23.80 22.75 -24.72
N ASN A 125 23.07 23.23 -23.72
CA ASN A 125 23.62 23.52 -22.41
C ASN A 125 23.62 22.34 -21.43
N ALA A 126 23.24 21.16 -21.91
CA ALA A 126 23.22 19.98 -21.04
C ALA A 126 24.64 19.38 -21.04
N PRO A 127 25.40 19.59 -19.94
CA PRO A 127 26.77 19.08 -19.82
C PRO A 127 26.93 17.58 -19.83
N ARG A 128 25.87 16.88 -19.45
CA ARG A 128 25.91 15.44 -19.37
C ARG A 128 25.45 14.70 -20.62
N CYS A 129 25.10 15.43 -21.67
CA CYS A 129 24.64 14.80 -22.92
C CYS A 129 25.70 14.69 -24.00
N ILE A 130 25.99 13.46 -24.41
CA ILE A 130 26.99 13.22 -25.44
C ILE A 130 26.44 13.35 -26.86
N GLY A 131 25.13 13.43 -26.99
CA GLY A 131 24.53 13.52 -28.31
C GLY A 131 24.21 14.93 -28.78
N ARG A 132 24.80 15.92 -28.14
CA ARG A 132 24.52 17.32 -28.48
C ARG A 132 24.84 17.82 -29.88
N ILE A 133 25.46 16.99 -30.72
CA ILE A 133 25.73 17.42 -32.08
C ILE A 133 24.40 17.52 -32.83
N GLN A 134 23.38 16.83 -32.32
CA GLN A 134 22.04 16.81 -32.92
C GLN A 134 21.14 17.94 -32.40
N TRP A 135 21.68 18.78 -31.53
CA TRP A 135 20.94 19.88 -30.89
C TRP A 135 19.97 20.70 -31.75
N SER A 136 20.30 20.88 -33.03
CA SER A 136 19.44 21.66 -33.91
C SER A 136 18.29 20.85 -34.50
N ASN A 137 18.35 19.53 -34.36
CA ASN A 137 17.31 18.65 -34.88
C ASN A 137 16.41 18.20 -33.71
N LEU A 138 15.33 18.94 -33.48
CA LEU A 138 14.42 18.63 -32.39
C LEU A 138 12.98 19.02 -32.65
N GLN A 139 12.08 18.06 -32.49
CA GLN A 139 10.65 18.32 -32.67
C GLN A 139 10.08 18.81 -31.35
N VAL A 140 9.34 19.92 -31.41
CA VAL A 140 8.76 20.48 -30.21
C VAL A 140 7.23 20.37 -30.18
N PHE A 141 6.71 19.69 -29.17
CA PHE A 141 5.25 19.56 -29.04
C PHE A 141 4.76 20.54 -27.98
N ASP A 142 3.99 21.54 -28.42
CA ASP A 142 3.46 22.55 -27.52
C ASP A 142 2.18 22.09 -26.82
N ALA A 143 2.31 21.69 -25.56
CA ALA A 143 1.15 21.25 -24.77
C ALA A 143 0.95 22.21 -23.59
N ARG A 144 1.28 23.48 -23.78
CA ARG A 144 1.13 24.47 -22.71
C ARG A 144 -0.31 24.80 -22.37
N ASN A 145 -1.25 24.31 -23.18
CA ASN A 145 -2.67 24.54 -22.95
C ASN A 145 -3.32 23.33 -22.27
N CYS A 146 -2.50 22.32 -21.96
CA CYS A 146 -3.00 21.11 -21.31
C CYS A 146 -3.60 21.44 -19.95
N SER A 147 -4.67 20.76 -19.57
CA SER A 147 -5.31 21.05 -18.29
C SER A 147 -5.61 19.84 -17.41
N THR A 148 -5.80 18.67 -18.02
CA THR A 148 -6.10 17.48 -17.24
C THR A 148 -5.06 16.38 -17.41
N ALA A 149 -5.11 15.39 -16.53
CA ALA A 149 -4.19 14.26 -16.58
C ALA A 149 -4.43 13.44 -17.84
N GLN A 150 -5.70 13.29 -18.22
CA GLN A 150 -6.09 12.54 -19.41
C GLN A 150 -5.46 13.17 -20.65
N GLU A 151 -5.49 14.49 -20.71
CA GLU A 151 -4.91 15.23 -21.83
C GLU A 151 -3.39 15.05 -21.83
N MET A 152 -2.79 14.94 -20.64
CA MET A 152 -1.34 14.74 -20.52
C MET A 152 -1.00 13.40 -21.14
N PHE A 153 -1.78 12.39 -20.76
CA PHE A 153 -1.62 11.02 -21.24
C PHE A 153 -1.65 10.98 -22.76
N GLN A 154 -2.63 11.67 -23.35
CA GLN A 154 -2.78 11.73 -24.80
C GLN A 154 -1.56 12.38 -25.45
N HIS A 155 -1.11 13.50 -24.88
CA HIS A 155 0.07 14.19 -25.40
C HIS A 155 1.30 13.28 -25.35
N ILE A 156 1.46 12.55 -24.24
CA ILE A 156 2.58 11.65 -24.07
C ILE A 156 2.54 10.50 -25.07
N CYS A 157 1.35 9.95 -25.31
CA CYS A 157 1.18 8.86 -26.28
C CYS A 157 1.58 9.34 -27.68
N ARG A 158 1.24 10.58 -27.99
CA ARG A 158 1.57 11.16 -29.29
C ARG A 158 3.10 11.32 -29.39
N HIS A 159 3.73 11.75 -28.31
CA HIS A 159 5.17 11.95 -28.26
C HIS A 159 5.86 10.60 -28.53
N ILE A 160 5.47 9.59 -27.77
CA ILE A 160 6.04 8.25 -27.89
C ILE A 160 5.90 7.71 -29.30
N LEU A 161 4.73 7.92 -29.90
CA LEU A 161 4.48 7.45 -31.27
C LEU A 161 5.37 8.17 -32.29
N TYR A 162 5.40 9.49 -32.24
CA TYR A 162 6.23 10.27 -33.16
C TYR A 162 7.72 9.92 -33.04
N ALA A 163 8.20 9.86 -31.80
CA ALA A 163 9.62 9.58 -31.52
C ALA A 163 10.06 8.19 -31.94
N THR A 164 9.23 7.19 -31.64
CA THR A 164 9.56 5.82 -31.97
C THR A 164 9.69 5.64 -33.47
N ASN A 165 8.74 6.23 -34.19
CA ASN A 165 8.70 6.22 -35.65
C ASN A 165 9.05 4.86 -36.27
N ASN A 166 8.48 3.79 -35.74
CA ASN A 166 8.71 2.43 -36.26
C ASN A 166 10.20 2.02 -36.31
N GLY A 167 10.98 2.46 -35.32
CA GLY A 167 12.39 2.13 -35.27
C GLY A 167 13.34 3.25 -35.70
N ASN A 168 12.86 4.15 -36.55
CA ASN A 168 13.68 5.29 -37.00
C ASN A 168 13.48 6.41 -35.97
N ILE A 169 14.11 6.26 -34.81
CA ILE A 169 13.99 7.20 -33.69
C ILE A 169 14.23 8.67 -34.00
N ARG A 170 13.30 9.52 -33.53
CA ARG A 170 13.37 10.96 -33.73
C ARG A 170 13.36 11.68 -32.38
N SER A 171 14.21 12.70 -32.25
CA SER A 171 14.29 13.47 -31.01
C SER A 171 13.08 14.41 -30.87
N ALA A 172 12.48 14.41 -29.68
CA ALA A 172 11.32 15.28 -29.45
C ALA A 172 11.17 15.65 -27.99
N ILE A 173 10.43 16.74 -27.76
CA ILE A 173 10.17 17.19 -26.41
C ILE A 173 8.75 17.73 -26.35
N THR A 174 8.05 17.41 -25.27
CA THR A 174 6.67 17.88 -25.09
C THR A 174 6.68 18.86 -23.92
N VAL A 175 6.31 20.10 -24.20
CA VAL A 175 6.29 21.15 -23.18
C VAL A 175 4.91 21.39 -22.58
N PHE A 176 4.76 21.04 -21.31
CA PHE A 176 3.51 21.24 -20.59
C PHE A 176 3.46 22.65 -19.98
N PRO A 177 2.29 23.06 -19.44
CA PRO A 177 2.16 24.40 -18.85
C PRO A 177 3.23 24.72 -17.81
N GLN A 178 3.78 25.92 -17.92
CA GLN A 178 4.81 26.41 -17.00
C GLN A 178 4.27 26.55 -15.59
N ARG A 179 5.18 26.57 -14.61
CA ARG A 179 4.81 26.71 -13.22
C ARG A 179 4.25 28.11 -12.99
N SER A 180 3.10 28.17 -12.33
CA SER A 180 2.47 29.45 -12.05
C SER A 180 2.83 29.93 -10.65
N ASP A 181 2.12 29.42 -9.64
CA ASP A 181 2.38 29.80 -8.26
C ASP A 181 3.17 28.71 -7.54
N GLY A 182 3.26 27.54 -8.16
CA GLY A 182 3.99 26.43 -7.56
C GLY A 182 3.13 25.40 -6.89
N LYS A 183 1.82 25.67 -6.81
CA LYS A 183 0.86 24.76 -6.18
C LYS A 183 0.04 24.03 -7.26
N HIS A 184 0.25 24.41 -8.52
CA HIS A 184 -0.47 23.82 -9.64
C HIS A 184 0.50 23.27 -10.70
N ASP A 185 1.55 22.61 -10.24
CA ASP A 185 2.57 22.05 -11.12
C ASP A 185 2.15 20.80 -11.89
N PHE A 186 2.55 20.76 -13.16
CA PHE A 186 2.30 19.61 -14.03
C PHE A 186 3.58 18.80 -13.84
N ARG A 187 3.45 17.54 -13.43
CA ARG A 187 4.63 16.69 -13.19
C ARG A 187 4.44 15.24 -13.60
N LEU A 188 5.49 14.66 -14.19
CA LEU A 188 5.46 13.24 -14.54
C LEU A 188 6.26 12.59 -13.41
N TRP A 189 5.60 11.73 -12.65
CA TRP A 189 6.26 11.07 -11.53
C TRP A 189 7.30 10.05 -11.95
N ASN A 190 7.18 9.55 -13.18
CA ASN A 190 8.12 8.59 -13.72
C ASN A 190 9.46 9.27 -14.01
N SER A 191 10.56 8.55 -13.88
CA SER A 191 11.87 9.12 -14.17
C SER A 191 12.07 9.14 -15.68
N GLN A 192 11.51 8.11 -16.33
CA GLN A 192 11.58 7.96 -17.78
C GLN A 192 10.20 7.60 -18.32
N LEU A 193 9.98 7.86 -19.61
CA LEU A 193 8.68 7.51 -20.19
C LEU A 193 8.49 6.00 -20.22
N ILE A 194 9.53 5.28 -20.68
CA ILE A 194 9.47 3.82 -20.77
C ILE A 194 10.47 3.22 -19.79
N ARG A 195 10.00 2.36 -18.91
CA ARG A 195 10.85 1.74 -17.90
C ARG A 195 10.18 0.45 -17.44
N TYR A 196 10.99 -0.56 -17.10
CA TYR A 196 10.47 -1.84 -16.64
C TYR A 196 10.30 -1.91 -15.14
N ALA A 197 9.29 -2.63 -14.70
CA ALA A 197 8.97 -2.81 -13.28
C ALA A 197 9.95 -3.74 -12.56
N GLY A 198 9.97 -3.59 -11.23
CA GLY A 198 10.80 -4.39 -10.36
C GLY A 198 9.94 -4.95 -9.25
N TYR A 199 10.01 -6.25 -9.02
CA TYR A 199 9.18 -6.88 -7.99
C TYR A 199 9.96 -7.69 -6.97
N GLN A 200 9.49 -7.61 -5.73
CA GLN A 200 10.08 -8.37 -4.65
C GLN A 200 9.18 -9.62 -4.53
N MET A 201 9.63 -10.73 -5.10
CA MET A 201 8.87 -11.97 -5.09
C MET A 201 8.75 -12.61 -3.70
N PRO A 202 7.73 -13.47 -3.50
CA PRO A 202 7.47 -14.17 -2.24
C PRO A 202 8.66 -15.00 -1.74
N ASP A 203 9.40 -15.61 -2.65
CA ASP A 203 10.56 -16.43 -2.27
C ASP A 203 11.79 -15.60 -1.91
N GLY A 204 11.62 -14.28 -1.85
CA GLY A 204 12.69 -13.36 -1.52
C GLY A 204 13.54 -12.88 -2.69
N THR A 205 13.34 -13.46 -3.87
CA THR A 205 14.12 -13.05 -5.04
C THR A 205 13.55 -11.80 -5.69
N ILE A 206 14.38 -11.10 -6.45
CA ILE A 206 13.96 -9.88 -7.15
C ILE A 206 13.69 -10.24 -8.60
N ARG A 207 12.59 -9.71 -9.14
CA ARG A 207 12.23 -9.99 -10.52
C ARG A 207 12.07 -8.69 -11.30
N GLY A 208 12.73 -8.62 -12.45
CA GLY A 208 12.66 -7.42 -13.27
C GLY A 208 13.78 -6.46 -12.97
N ASP A 209 13.53 -5.16 -13.11
CA ASP A 209 14.54 -4.13 -12.85
C ASP A 209 14.58 -3.78 -11.37
N ALA A 210 15.60 -4.29 -10.68
CA ALA A 210 15.75 -4.06 -9.24
C ALA A 210 15.81 -2.59 -8.83
N ALA A 211 16.17 -1.72 -9.77
CA ALA A 211 16.26 -0.30 -9.49
C ALA A 211 14.91 0.41 -9.41
N THR A 212 13.84 -0.23 -9.89
CA THR A 212 12.52 0.39 -9.84
C THR A 212 11.59 -0.25 -8.79
N LEU A 213 12.16 -0.94 -7.80
CA LEU A 213 11.35 -1.58 -6.75
C LEU A 213 10.37 -0.63 -6.05
N GLU A 214 10.89 0.49 -5.56
CA GLU A 214 10.09 1.49 -4.86
C GLU A 214 9.01 2.14 -5.72
N PHE A 215 9.39 2.59 -6.91
CA PHE A 215 8.41 3.23 -7.80
C PHE A 215 7.35 2.24 -8.28
N THR A 216 7.74 0.98 -8.45
CA THR A 216 6.81 -0.06 -8.87
C THR A 216 5.77 -0.25 -7.78
N GLN A 217 6.23 -0.29 -6.53
CA GLN A 217 5.36 -0.46 -5.38
C GLN A 217 4.40 0.73 -5.29
N LEU A 218 4.90 1.90 -5.68
CA LEU A 218 4.09 3.11 -5.65
C LEU A 218 2.92 2.99 -6.64
N CYS A 219 3.21 2.50 -7.84
CA CYS A 219 2.20 2.31 -8.88
C CYS A 219 1.15 1.31 -8.37
N ILE A 220 1.62 0.24 -7.74
CA ILE A 220 0.73 -0.78 -7.19
C ILE A 220 -0.17 -0.17 -6.13
N ASP A 221 0.40 0.70 -5.31
CA ASP A 221 -0.36 1.37 -4.25
C ASP A 221 -1.41 2.30 -4.83
N LEU A 222 -1.20 2.74 -6.08
CA LEU A 222 -2.14 3.64 -6.74
C LEU A 222 -3.15 2.93 -7.63
N GLY A 223 -3.26 1.62 -7.44
CA GLY A 223 -4.24 0.86 -8.20
C GLY A 223 -3.73 0.07 -9.38
N TRP A 224 -2.50 0.33 -9.82
CA TRP A 224 -1.92 -0.40 -10.97
C TRP A 224 -1.82 -1.89 -10.66
N LYS A 225 -2.13 -2.70 -11.66
CA LYS A 225 -2.06 -4.15 -11.51
C LYS A 225 -0.71 -4.75 -11.89
N PRO A 226 0.02 -5.29 -10.90
CA PRO A 226 1.33 -5.90 -11.10
C PRO A 226 1.22 -7.19 -11.91
N ARG A 227 2.11 -7.36 -12.87
CA ARG A 227 2.10 -8.55 -13.73
C ARG A 227 3.25 -9.52 -13.45
N TYR A 228 4.07 -9.18 -12.47
CA TYR A 228 5.21 -9.98 -12.02
C TYR A 228 6.09 -10.59 -13.11
N GLY A 229 6.34 -9.81 -14.16
CA GLY A 229 7.19 -10.27 -15.24
C GLY A 229 8.59 -9.66 -15.14
N ARG A 230 9.48 -10.15 -15.99
CA ARG A 230 10.85 -9.65 -16.02
C ARG A 230 10.94 -8.31 -16.74
N PHE A 231 10.06 -8.11 -17.72
CA PHE A 231 10.07 -6.87 -18.49
C PHE A 231 8.68 -6.23 -18.65
N ASP A 232 8.04 -5.93 -17.53
CA ASP A 232 6.72 -5.29 -17.58
C ASP A 232 6.92 -3.78 -17.64
N VAL A 233 6.35 -3.16 -18.68
CA VAL A 233 6.43 -1.72 -18.84
C VAL A 233 5.58 -1.01 -17.79
N LEU A 234 6.22 -0.12 -17.03
CA LEU A 234 5.54 0.63 -15.97
C LEU A 234 4.53 1.62 -16.53
N PRO A 235 3.50 1.92 -15.74
CA PRO A 235 2.49 2.86 -16.22
C PRO A 235 2.94 4.30 -15.96
N LEU A 236 2.31 5.25 -16.66
CA LEU A 236 2.60 6.66 -16.47
C LEU A 236 1.83 7.18 -15.25
N VAL A 237 2.53 7.84 -14.33
CA VAL A 237 1.93 8.41 -13.13
C VAL A 237 1.96 9.90 -13.39
N LEU A 238 0.82 10.45 -13.77
CA LEU A 238 0.72 11.86 -14.13
C LEU A 238 0.01 12.77 -13.15
N GLN A 239 0.65 13.91 -12.90
CA GLN A 239 0.13 14.95 -12.01
C GLN A 239 -0.16 16.18 -12.86
N ALA A 240 -1.40 16.65 -12.79
CA ALA A 240 -1.81 17.81 -13.55
C ALA A 240 -2.44 18.89 -12.68
N ASP A 241 -2.06 20.14 -12.92
CA ASP A 241 -2.55 21.30 -12.18
C ASP A 241 -2.36 21.17 -10.67
N GLY A 242 -1.32 20.46 -10.26
CA GLY A 242 -1.03 20.28 -8.84
C GLY A 242 -1.89 19.27 -8.12
N GLN A 243 -2.82 18.64 -8.83
CA GLN A 243 -3.69 17.66 -8.24
C GLN A 243 -3.03 16.29 -8.13
N ASP A 244 -3.65 15.40 -7.36
CA ASP A 244 -3.13 14.05 -7.14
C ASP A 244 -2.84 13.32 -8.45
N PRO A 245 -1.74 12.55 -8.47
CA PRO A 245 -1.34 11.79 -9.66
C PRO A 245 -2.29 10.67 -10.05
N GLU A 246 -2.53 10.56 -11.36
CA GLU A 246 -3.42 9.53 -11.89
C GLU A 246 -2.57 8.54 -12.70
N VAL A 247 -2.90 7.26 -12.57
CA VAL A 247 -2.18 6.19 -13.28
C VAL A 247 -2.77 5.86 -14.64
N PHE A 248 -1.91 5.77 -15.65
CA PHE A 248 -2.34 5.45 -17.01
C PHE A 248 -1.38 4.43 -17.63
N GLU A 249 -1.91 3.25 -17.95
CA GLU A 249 -1.09 2.21 -18.56
C GLU A 249 -0.71 2.62 -19.99
N ILE A 250 0.53 2.35 -20.38
CA ILE A 250 0.98 2.70 -21.72
C ILE A 250 0.50 1.64 -22.69
N PRO A 251 -0.21 2.05 -23.77
CA PRO A 251 -0.71 1.12 -24.78
C PRO A 251 0.44 0.34 -25.39
N PRO A 252 0.47 -0.98 -25.16
CA PRO A 252 1.53 -1.87 -25.66
C PRO A 252 1.91 -1.68 -27.13
N ASP A 253 0.97 -1.26 -27.97
CA ASP A 253 1.24 -1.05 -29.39
C ASP A 253 2.22 0.10 -29.60
N LEU A 254 2.30 1.01 -28.62
CA LEU A 254 3.20 2.15 -28.71
C LEU A 254 4.62 1.86 -28.21
N VAL A 255 4.79 0.75 -27.49
CA VAL A 255 6.10 0.39 -26.95
C VAL A 255 6.88 -0.56 -27.85
N LEU A 256 7.85 -0.01 -28.58
CA LEU A 256 8.67 -0.84 -29.45
C LEU A 256 9.82 -1.43 -28.63
N GLU A 257 10.04 -2.74 -28.81
CA GLU A 257 11.11 -3.42 -28.09
C GLU A 257 12.02 -4.20 -29.03
N VAL A 258 13.25 -4.44 -28.56
CA VAL A 258 14.24 -5.19 -29.32
C VAL A 258 14.62 -6.44 -28.53
N THR A 259 14.48 -7.60 -29.18
CA THR A 259 14.84 -8.87 -28.56
C THR A 259 16.33 -9.07 -28.77
N MET A 260 17.03 -9.40 -27.69
CA MET A 260 18.48 -9.57 -27.73
C MET A 260 18.98 -10.89 -28.28
N GLU A 261 19.85 -10.77 -29.29
CA GLU A 261 20.47 -11.91 -29.95
C GLU A 261 21.94 -11.60 -30.17
N HIS A 262 22.76 -12.65 -30.21
CA HIS A 262 24.18 -12.49 -30.48
C HIS A 262 24.48 -13.05 -31.88
N PRO A 263 25.30 -12.35 -32.67
CA PRO A 263 25.63 -12.79 -34.03
C PRO A 263 26.30 -14.17 -34.13
N LYS A 264 26.93 -14.62 -33.05
CA LYS A 264 27.60 -15.92 -33.04
C LYS A 264 27.06 -16.87 -31.99
N TYR A 265 26.88 -16.35 -30.78
CA TYR A 265 26.37 -17.17 -29.67
C TYR A 265 24.86 -17.40 -29.77
N GLU A 266 24.47 -18.54 -30.36
CA GLU A 266 23.06 -18.87 -30.52
C GLU A 266 22.35 -18.99 -29.18
N TRP A 267 23.12 -19.35 -28.14
CA TRP A 267 22.58 -19.48 -26.79
C TRP A 267 22.22 -18.15 -26.14
N PHE A 268 22.67 -17.03 -26.71
CA PHE A 268 22.38 -15.71 -26.13
C PHE A 268 20.89 -15.46 -26.06
N GLN A 269 20.18 -15.88 -27.10
CA GLN A 269 18.74 -15.75 -27.19
C GLN A 269 18.07 -16.48 -26.00
N GLU A 270 18.70 -17.56 -25.53
CA GLU A 270 18.17 -18.36 -24.42
C GLU A 270 18.08 -17.56 -23.13
N LEU A 271 18.77 -16.42 -23.10
CA LEU A 271 18.75 -15.54 -21.94
C LEU A 271 17.40 -14.83 -21.82
N GLY A 272 16.62 -14.82 -22.90
CA GLY A 272 15.31 -14.18 -22.91
C GLY A 272 15.34 -12.69 -22.62
N LEU A 273 16.37 -12.00 -23.09
CA LEU A 273 16.51 -10.58 -22.83
C LEU A 273 15.95 -9.71 -23.95
N LYS A 274 15.54 -8.51 -23.56
CA LYS A 274 15.03 -7.52 -24.50
C LYS A 274 15.08 -6.16 -23.81
N TRP A 275 14.85 -5.10 -24.59
CA TRP A 275 14.85 -3.77 -24.04
C TRP A 275 14.03 -2.85 -24.93
N TYR A 276 13.59 -1.72 -24.39
CA TYR A 276 12.79 -0.77 -25.15
C TYR A 276 13.68 0.09 -26.05
N ALA A 277 13.13 0.52 -27.19
CA ALA A 277 13.87 1.33 -28.14
C ALA A 277 13.89 2.82 -27.86
N LEU A 278 12.95 3.28 -27.05
CA LEU A 278 12.80 4.69 -26.73
C LEU A 278 13.34 5.17 -25.40
N PRO A 279 14.47 5.90 -25.42
CA PRO A 279 15.09 6.43 -24.21
C PRO A 279 14.58 7.86 -23.97
N ALA A 280 13.75 8.04 -22.95
CA ALA A 280 13.20 9.36 -22.70
C ALA A 280 13.12 9.72 -21.23
N VAL A 281 13.70 10.87 -20.88
CA VAL A 281 13.70 11.37 -19.50
C VAL A 281 12.38 12.09 -19.32
N ALA A 282 11.73 11.86 -18.18
CA ALA A 282 10.43 12.45 -17.96
C ALA A 282 10.23 13.33 -16.74
N ASN A 283 11.23 13.37 -15.86
CA ASN A 283 11.13 14.14 -14.61
C ASN A 283 12.00 15.40 -14.48
N MET A 284 12.50 15.93 -15.59
CA MET A 284 13.32 17.13 -15.51
C MET A 284 12.59 18.45 -15.71
N LEU A 285 13.21 19.55 -15.27
CA LEU A 285 12.59 20.85 -15.39
C LEU A 285 13.36 21.77 -16.32
N LEU A 286 12.64 22.40 -17.26
CA LEU A 286 13.24 23.35 -18.19
C LEU A 286 13.19 24.75 -17.59
N GLU A 287 14.36 25.40 -17.50
CA GLU A 287 14.48 26.75 -16.97
C GLU A 287 14.82 27.67 -18.14
N VAL A 288 14.06 28.76 -18.28
CA VAL A 288 14.26 29.71 -19.36
C VAL A 288 13.60 31.05 -19.11
N GLY A 289 14.40 32.10 -19.20
CA GLY A 289 13.91 33.46 -19.02
C GLY A 289 13.08 33.68 -17.77
N GLY A 290 13.54 33.13 -16.65
CA GLY A 290 12.81 33.29 -15.40
C GLY A 290 11.67 32.31 -15.22
N LEU A 291 11.25 31.66 -16.30
CA LEU A 291 10.17 30.68 -16.25
C LEU A 291 10.68 29.28 -15.92
N GLU A 292 9.76 28.44 -15.47
CA GLU A 292 10.10 27.07 -15.11
C GLU A 292 9.00 26.14 -15.59
N PHE A 293 9.39 25.08 -16.31
CA PHE A 293 8.45 24.08 -16.82
C PHE A 293 8.79 22.77 -16.14
N PRO A 294 8.05 22.42 -15.06
CA PRO A 294 8.23 21.20 -14.27
C PRO A 294 7.92 19.92 -15.03
N ALA A 295 7.27 20.03 -16.17
CA ALA A 295 6.94 18.85 -16.96
C ALA A 295 7.29 19.09 -18.42
N CYS A 296 8.36 18.42 -18.89
CA CYS A 296 8.84 18.58 -20.26
C CYS A 296 9.62 17.33 -20.67
N PRO A 297 8.92 16.22 -20.88
CA PRO A 297 9.59 14.97 -21.27
C PRO A 297 10.29 15.14 -22.64
N PHE A 298 11.51 14.62 -22.75
CA PHE A 298 12.26 14.70 -24.00
C PHE A 298 12.98 13.40 -24.25
N ASN A 299 13.32 13.16 -25.51
CA ASN A 299 14.02 11.94 -25.85
C ASN A 299 14.97 12.13 -27.03
N GLY A 300 15.90 11.19 -27.12
CA GLY A 300 16.86 11.13 -28.20
C GLY A 300 16.83 9.67 -28.58
N TRP A 301 18.00 9.06 -28.82
CA TRP A 301 18.10 7.63 -29.13
C TRP A 301 19.18 7.01 -28.23
N TYR A 302 19.19 5.68 -28.19
CA TYR A 302 20.12 4.95 -27.35
C TYR A 302 21.57 4.87 -27.83
N MET A 303 22.47 4.68 -26.86
CA MET A 303 23.88 4.46 -27.12
C MET A 303 23.97 3.05 -26.54
N GLY A 304 24.52 2.12 -27.31
CA GLY A 304 24.62 0.72 -26.88
C GLY A 304 25.05 0.39 -25.45
N THR A 305 26.06 1.10 -24.94
CA THR A 305 26.57 0.86 -23.60
C THR A 305 25.57 1.05 -22.47
N GLU A 306 24.59 1.93 -22.67
CA GLU A 306 23.58 2.17 -21.65
C GLU A 306 22.84 0.88 -21.29
N ILE A 307 22.52 0.10 -22.32
CA ILE A 307 21.80 -1.15 -22.17
C ILE A 307 22.75 -2.30 -21.86
N GLY A 308 23.71 -2.49 -22.75
CA GLY A 308 24.66 -3.58 -22.59
C GLY A 308 25.52 -3.52 -21.35
N VAL A 309 25.84 -2.32 -20.90
CA VAL A 309 26.68 -2.20 -19.73
C VAL A 309 25.95 -1.80 -18.45
N ARG A 310 25.17 -0.73 -18.49
CA ARG A 310 24.49 -0.29 -17.29
C ARG A 310 23.25 -1.12 -16.94
N ASP A 311 22.30 -1.21 -17.87
CA ASP A 311 21.06 -1.96 -17.63
C ASP A 311 21.29 -3.45 -17.40
N PHE A 312 22.06 -4.08 -18.28
CA PHE A 312 22.34 -5.51 -18.18
C PHE A 312 23.47 -5.92 -17.24
N CYS A 313 24.51 -5.08 -17.08
CA CYS A 313 25.63 -5.48 -16.22
C CYS A 313 25.79 -4.84 -14.84
N ASP A 314 25.06 -3.78 -14.54
CA ASP A 314 25.15 -3.23 -13.19
C ASP A 314 24.64 -4.32 -12.24
N THR A 315 25.27 -4.43 -11.07
CA THR A 315 24.87 -5.42 -10.07
C THR A 315 23.49 -5.11 -9.47
N GLN A 316 23.15 -3.84 -9.37
CA GLN A 316 21.87 -3.39 -8.81
C GLN A 316 20.76 -3.33 -9.88
N ARG A 317 21.04 -3.86 -11.07
CA ARG A 317 20.06 -3.88 -12.14
C ARG A 317 19.77 -5.34 -12.54
N TYR A 318 19.85 -5.65 -13.83
CA TYR A 318 19.60 -7.01 -14.29
C TYR A 318 20.72 -8.00 -13.97
N ASN A 319 21.93 -7.47 -13.73
CA ASN A 319 23.09 -8.26 -13.33
C ASN A 319 23.28 -9.60 -14.07
N ILE A 320 23.47 -9.56 -15.38
CA ILE A 320 23.63 -10.79 -16.15
C ILE A 320 25.10 -11.16 -16.44
N LEU A 321 26.03 -10.34 -15.96
CA LEU A 321 27.46 -10.56 -16.22
C LEU A 321 28.00 -11.96 -15.95
N GLU A 322 27.82 -12.46 -14.74
CA GLU A 322 28.31 -13.79 -14.41
C GLU A 322 27.70 -14.89 -15.29
N GLU A 323 26.38 -14.83 -15.50
CA GLU A 323 25.68 -15.82 -16.32
C GLU A 323 26.25 -15.86 -17.73
N VAL A 324 26.54 -14.69 -18.28
CA VAL A 324 27.12 -14.60 -19.62
C VAL A 324 28.55 -15.15 -19.58
N GLY A 325 29.24 -14.93 -18.46
CA GLY A 325 30.59 -15.43 -18.31
C GLY A 325 30.68 -16.94 -18.38
N ARG A 326 29.83 -17.62 -17.61
CA ARG A 326 29.80 -19.09 -17.58
C ARG A 326 29.47 -19.66 -18.94
N ARG A 327 28.46 -19.10 -19.58
CA ARG A 327 28.03 -19.55 -20.90
C ARG A 327 29.13 -19.43 -21.95
N MET A 328 30.07 -18.51 -21.73
CA MET A 328 31.19 -18.33 -22.66
C MET A 328 32.33 -19.25 -22.27
N GLY A 329 32.17 -19.95 -21.15
CA GLY A 329 33.17 -20.88 -20.66
C GLY A 329 34.40 -20.22 -20.08
N LEU A 330 34.22 -19.03 -19.52
CA LEU A 330 35.32 -18.26 -18.94
C LEU A 330 35.59 -18.62 -17.47
N GLU A 331 36.78 -18.24 -17.01
CA GLU A 331 37.21 -18.47 -15.63
C GLU A 331 36.59 -17.40 -14.74
N THR A 332 35.28 -17.51 -14.53
CA THR A 332 34.52 -16.56 -13.73
C THR A 332 34.86 -16.50 -12.25
N HIS A 333 35.78 -17.36 -11.80
CA HIS A 333 36.19 -17.37 -10.40
C HIS A 333 37.59 -16.79 -10.20
N THR A 334 38.12 -16.14 -11.24
CA THR A 334 39.45 -15.52 -11.20
C THR A 334 39.36 -14.16 -11.86
N LEU A 335 39.28 -13.11 -11.05
CA LEU A 335 39.18 -11.74 -11.55
C LEU A 335 40.27 -11.37 -12.54
N ALA A 336 41.50 -11.79 -12.25
CA ALA A 336 42.66 -11.50 -13.09
C ALA A 336 42.57 -12.07 -14.50
N SER A 337 41.64 -13.02 -14.73
CA SER A 337 41.48 -13.59 -16.06
C SER A 337 40.85 -12.58 -17.01
N LEU A 338 40.28 -11.52 -16.45
CA LEU A 338 39.60 -10.47 -17.20
C LEU A 338 38.35 -11.00 -17.89
N TRP A 339 37.73 -12.03 -17.31
CA TRP A 339 36.53 -12.61 -17.89
C TRP A 339 35.42 -11.56 -17.99
N LYS A 340 35.36 -10.66 -17.01
CA LYS A 340 34.33 -9.62 -17.02
C LYS A 340 34.48 -8.72 -18.24
N ASP A 341 35.73 -8.42 -18.61
CA ASP A 341 35.98 -7.56 -19.77
C ASP A 341 35.49 -8.26 -21.04
N ARG A 342 35.83 -9.54 -21.16
CA ARG A 342 35.43 -10.30 -22.33
C ARG A 342 33.91 -10.43 -22.47
N ALA A 343 33.23 -10.71 -21.36
CA ALA A 343 31.77 -10.90 -21.33
C ALA A 343 30.99 -9.63 -21.64
N VAL A 344 31.30 -8.53 -20.92
CA VAL A 344 30.61 -7.27 -21.15
C VAL A 344 30.69 -6.85 -22.60
N THR A 345 31.80 -7.16 -23.27
CA THR A 345 31.95 -6.78 -24.66
C THR A 345 31.02 -7.58 -25.58
N GLU A 346 30.87 -8.88 -25.33
CA GLU A 346 29.98 -9.70 -26.14
C GLU A 346 28.54 -9.23 -25.95
N ILE A 347 28.22 -8.78 -24.74
CA ILE A 347 26.88 -8.27 -24.44
C ILE A 347 26.67 -7.00 -25.25
N ASN A 348 27.67 -6.11 -25.26
CA ASN A 348 27.57 -4.88 -26.04
C ASN A 348 27.41 -5.22 -27.51
N VAL A 349 28.10 -6.27 -27.96
CA VAL A 349 27.99 -6.69 -29.36
C VAL A 349 26.56 -7.16 -29.64
N ALA A 350 25.96 -7.85 -28.68
CA ALA A 350 24.60 -8.37 -28.83
C ALA A 350 23.61 -7.22 -28.98
N VAL A 351 23.73 -6.22 -28.11
CA VAL A 351 22.84 -5.07 -28.12
C VAL A 351 22.87 -4.36 -29.46
N LEU A 352 24.07 -4.03 -29.93
CA LEU A 352 24.23 -3.34 -31.21
C LEU A 352 23.70 -4.20 -32.35
N HIS A 353 24.08 -5.48 -32.35
CA HIS A 353 23.63 -6.41 -33.37
C HIS A 353 22.10 -6.48 -33.45
N SER A 354 21.44 -6.65 -32.29
CA SER A 354 19.99 -6.75 -32.23
C SER A 354 19.25 -5.52 -32.70
N PHE A 355 19.67 -4.36 -32.23
CA PHE A 355 19.05 -3.11 -32.65
C PHE A 355 19.22 -2.93 -34.15
N GLN A 356 20.43 -3.21 -34.67
CA GLN A 356 20.68 -3.07 -36.10
C GLN A 356 19.83 -4.03 -36.95
N LYS A 357 19.79 -5.29 -36.54
CA LYS A 357 19.03 -6.31 -37.25
C LYS A 357 17.54 -5.97 -37.30
N GLN A 358 17.02 -5.42 -36.20
CA GLN A 358 15.62 -5.04 -36.10
C GLN A 358 15.35 -3.62 -36.58
N ASN A 359 16.33 -3.03 -37.27
CA ASN A 359 16.23 -1.67 -37.81
C ASN A 359 15.82 -0.58 -36.83
N VAL A 360 16.39 -0.63 -35.63
CA VAL A 360 16.10 0.38 -34.63
C VAL A 360 17.35 1.20 -34.37
N THR A 361 17.20 2.51 -34.47
CA THR A 361 18.31 3.46 -34.28
C THR A 361 19.07 3.27 -32.98
N ILE A 362 20.39 3.24 -33.10
CA ILE A 362 21.28 3.10 -31.96
C ILE A 362 22.70 3.50 -32.38
N MET A 363 23.50 3.97 -31.42
CA MET A 363 24.88 4.34 -31.72
C MET A 363 25.85 3.67 -30.76
N ASP A 364 26.98 3.18 -31.28
CA ASP A 364 27.97 2.56 -30.41
C ASP A 364 28.70 3.73 -29.71
N HIS A 365 29.34 3.46 -28.59
CA HIS A 365 30.05 4.50 -27.84
C HIS A 365 31.25 5.16 -28.53
N HIS A 366 31.90 4.45 -29.44
CA HIS A 366 33.06 5.02 -30.15
C HIS A 366 32.60 6.10 -31.10
N THR A 367 31.63 5.77 -31.94
CA THR A 367 31.09 6.73 -32.90
C THR A 367 30.54 7.94 -32.17
N ALA A 368 29.85 7.70 -31.06
CA ALA A 368 29.26 8.77 -30.25
C ALA A 368 30.32 9.70 -29.71
N SER A 369 31.39 9.12 -29.17
CA SER A 369 32.48 9.89 -28.62
C SER A 369 33.10 10.82 -29.68
N GLU A 370 33.39 10.29 -30.86
CA GLU A 370 33.97 11.11 -31.95
C GLU A 370 32.96 12.18 -32.38
N SER A 371 31.67 11.82 -32.31
CA SER A 371 30.60 12.76 -32.67
C SER A 371 30.60 13.96 -31.73
N PHE A 372 30.71 13.70 -30.43
CA PHE A 372 30.74 14.77 -29.44
C PHE A 372 31.98 15.63 -29.58
N MET A 373 33.13 15.01 -29.88
CA MET A 373 34.37 15.77 -30.04
C MET A 373 34.22 16.81 -31.16
N LYS A 374 33.54 16.41 -32.23
CA LYS A 374 33.30 17.31 -33.37
C LYS A 374 32.39 18.45 -32.92
N HIS A 375 31.37 18.12 -32.15
CA HIS A 375 30.43 19.09 -31.64
C HIS A 375 31.12 20.12 -30.75
N MET A 376 31.95 19.61 -29.83
CA MET A 376 32.69 20.46 -28.89
C MET A 376 33.54 21.45 -29.67
N GLN A 377 34.19 20.96 -30.72
CA GLN A 377 35.02 21.77 -31.59
C GLN A 377 34.16 22.87 -32.24
N ASN A 378 32.95 22.51 -32.67
CA ASN A 378 32.04 23.45 -33.30
C ASN A 378 31.57 24.51 -32.31
N GLU A 379 31.27 24.09 -31.08
CA GLU A 379 30.80 24.99 -30.04
C GLU A 379 31.78 26.07 -29.62
N TYR A 380 33.05 25.69 -29.46
CA TYR A 380 34.09 26.65 -29.09
C TYR A 380 34.29 27.67 -30.20
N ARG A 381 34.12 27.22 -31.44
CA ARG A 381 34.26 28.09 -32.61
C ARG A 381 33.05 29.03 -32.70
N ALA A 382 31.86 28.49 -32.43
CA ALA A 382 30.62 29.25 -32.50
C ALA A 382 30.35 30.19 -31.33
N ARG A 383 30.64 29.75 -30.12
CA ARG A 383 30.40 30.60 -28.96
C ARG A 383 31.43 30.56 -27.84
N GLY A 384 32.63 30.10 -28.18
CA GLY A 384 33.73 30.07 -27.22
C GLY A 384 33.57 29.18 -26.00
N GLY A 385 32.94 28.02 -26.18
CA GLY A 385 32.79 27.12 -25.06
C GLY A 385 31.72 26.05 -25.24
N CYS A 386 31.75 25.07 -24.34
CA CYS A 386 30.79 23.97 -24.35
C CYS A 386 30.83 23.32 -22.98
N PRO A 387 29.78 23.54 -22.18
CA PRO A 387 29.73 22.95 -20.83
C PRO A 387 29.76 21.42 -20.96
N ALA A 388 30.66 20.75 -20.24
CA ALA A 388 30.75 19.31 -20.36
C ALA A 388 31.15 18.64 -19.05
N ASP A 389 30.45 17.58 -18.71
CA ASP A 389 30.74 16.82 -17.50
C ASP A 389 31.48 15.57 -17.96
N TRP A 390 32.80 15.59 -17.82
CA TRP A 390 33.68 14.48 -18.20
C TRP A 390 33.20 13.13 -17.64
N ILE A 391 32.84 13.14 -16.36
CA ILE A 391 32.38 11.94 -15.68
C ILE A 391 31.21 11.27 -16.37
N TRP A 392 30.34 12.06 -16.99
CA TRP A 392 29.20 11.50 -17.69
C TRP A 392 29.47 11.29 -19.17
N LEU A 393 30.41 12.05 -19.73
CA LEU A 393 30.70 11.94 -21.15
C LEU A 393 31.56 10.76 -21.55
N VAL A 394 32.38 10.26 -20.62
CA VAL A 394 33.22 9.09 -20.89
C VAL A 394 32.37 7.84 -20.63
N PRO A 395 32.29 6.93 -21.62
CA PRO A 395 31.51 5.68 -21.56
C PRO A 395 31.91 4.80 -20.40
N PRO A 396 31.01 3.88 -19.97
CA PRO A 396 31.26 2.97 -18.84
C PRO A 396 32.21 1.79 -19.19
N VAL A 397 32.65 1.74 -20.44
CA VAL A 397 33.61 0.74 -20.92
C VAL A 397 34.55 1.43 -21.90
N SER A 398 35.75 0.89 -22.04
CA SER A 398 36.80 1.39 -22.93
C SER A 398 37.02 2.91 -22.89
N GLY A 399 37.02 3.46 -21.68
CA GLY A 399 37.21 4.89 -21.48
C GLY A 399 38.30 5.57 -22.28
N SER A 400 39.57 5.18 -22.08
CA SER A 400 40.66 5.83 -22.78
C SER A 400 40.77 5.49 -24.27
N ILE A 401 39.95 4.55 -24.74
CA ILE A 401 39.95 4.21 -26.15
C ILE A 401 39.17 5.30 -26.90
N THR A 402 38.34 6.06 -26.18
CA THR A 402 37.56 7.13 -26.80
C THR A 402 38.33 8.44 -26.63
N PRO A 403 38.16 9.38 -27.59
CA PRO A 403 38.86 10.67 -27.51
C PRO A 403 38.42 11.59 -26.37
N VAL A 404 37.16 11.45 -25.94
CA VAL A 404 36.63 12.28 -24.87
C VAL A 404 37.43 12.14 -23.58
N PHE A 405 37.92 10.94 -23.32
CA PHE A 405 38.72 10.66 -22.13
C PHE A 405 39.94 11.59 -22.04
N HIS A 406 40.59 11.85 -23.16
CA HIS A 406 41.79 12.69 -23.18
C HIS A 406 41.55 14.17 -23.34
N GLN A 407 40.28 14.57 -23.32
CA GLN A 407 39.89 15.96 -23.49
C GLN A 407 39.56 16.63 -22.17
N GLU A 408 40.28 17.70 -21.83
CA GLU A 408 39.99 18.45 -20.61
C GLU A 408 38.68 19.20 -20.88
N MET A 409 37.81 19.26 -19.88
CA MET A 409 36.53 19.91 -20.07
C MET A 409 36.13 20.79 -18.90
N LEU A 410 35.33 21.80 -19.20
CA LEU A 410 34.82 22.71 -18.18
C LEU A 410 33.32 22.46 -18.00
N ASN A 411 32.92 22.21 -16.76
CA ASN A 411 31.51 21.96 -16.43
C ASN A 411 30.89 23.16 -15.73
N TYR A 412 29.93 23.80 -16.37
CA TYR A 412 29.24 24.96 -15.80
C TYR A 412 27.75 25.00 -16.19
N VAL A 413 26.96 25.67 -15.37
CA VAL A 413 25.51 25.80 -15.58
C VAL A 413 25.11 27.12 -16.21
N LEU A 414 24.59 27.05 -17.43
CA LEU A 414 24.14 28.22 -18.17
C LEU A 414 22.60 28.31 -18.10
N SER A 415 22.02 29.14 -18.98
CA SER A 415 20.57 29.32 -19.05
C SER A 415 20.22 29.65 -20.51
N PRO A 416 19.19 28.97 -21.10
CA PRO A 416 18.31 27.93 -20.53
C PRO A 416 19.05 26.66 -20.06
N PHE A 417 18.38 25.86 -19.22
CA PHE A 417 19.00 24.65 -18.67
C PHE A 417 17.96 23.65 -18.20
N TYR A 418 18.30 22.37 -18.28
CA TYR A 418 17.44 21.28 -17.83
C TYR A 418 17.91 20.84 -16.44
N TYR A 419 17.10 21.09 -15.43
CA TYR A 419 17.45 20.74 -14.06
C TYR A 419 16.77 19.48 -13.57
N TYR A 420 17.30 18.95 -12.47
CA TYR A 420 16.72 17.80 -11.80
C TYR A 420 15.67 18.41 -10.87
N GLN A 421 14.79 17.57 -10.31
CA GLN A 421 13.77 18.07 -9.39
C GLN A 421 13.70 17.16 -8.18
N ILE A 422 13.16 17.68 -7.07
CA ILE A 422 13.01 16.87 -5.88
C ILE A 422 11.90 15.86 -6.21
N GLU A 423 12.09 14.60 -5.82
CA GLU A 423 11.09 13.56 -6.07
C GLU A 423 9.72 14.06 -5.60
N PRO A 424 8.74 14.13 -6.54
CA PRO A 424 7.37 14.59 -6.31
C PRO A 424 6.64 13.94 -5.13
N TRP A 425 6.83 12.65 -4.92
CA TRP A 425 6.18 11.95 -3.82
C TRP A 425 6.67 12.39 -2.44
N LYS A 426 7.79 13.10 -2.40
CA LYS A 426 8.36 13.60 -1.16
C LYS A 426 7.83 14.97 -0.77
N THR A 427 7.33 15.71 -1.76
CA THR A 427 6.82 17.06 -1.50
C THR A 427 5.34 17.25 -1.79
N HIS A 428 4.71 16.25 -2.40
CA HIS A 428 3.30 16.33 -2.75
C HIS A 428 2.35 16.35 -1.55
N ILE A 429 1.35 17.23 -1.62
CA ILE A 429 0.33 17.34 -0.58
C ILE A 429 -0.92 16.63 -1.10
N TRP A 430 -1.19 15.45 -0.56
CA TRP A 430 -2.33 14.64 -0.97
C TRP A 430 -3.68 15.24 -0.63
N GLN A 431 -4.61 15.15 -1.58
CA GLN A 431 -5.96 15.68 -1.42
C GLN A 431 -6.90 14.59 -0.91
N ASN A 432 -7.11 13.56 -1.73
CA ASN A 432 -7.98 12.44 -1.38
C ASN A 432 -7.24 11.40 -0.53
N GLN B 12 -48.81 -9.95 30.36
CA GLN B 12 -47.65 -9.08 30.04
C GLN B 12 -46.41 -9.94 29.73
N TYR B 13 -46.59 -10.95 28.90
CA TYR B 13 -45.50 -11.85 28.52
C TYR B 13 -45.72 -12.42 27.12
N VAL B 14 -44.65 -12.93 26.53
CA VAL B 14 -44.74 -13.52 25.20
C VAL B 14 -44.57 -15.03 25.35
N ARG B 15 -45.49 -15.76 24.74
CA ARG B 15 -45.50 -17.21 24.81
C ARG B 15 -44.48 -17.83 23.86
N ILE B 16 -43.64 -18.70 24.42
CA ILE B 16 -42.58 -19.38 23.68
C ILE B 16 -42.78 -20.89 23.80
N LYS B 17 -42.66 -21.60 22.68
CA LYS B 17 -42.84 -23.05 22.68
C LYS B 17 -41.67 -23.87 22.13
N ASN B 18 -41.44 -25.01 22.78
CA ASN B 18 -40.40 -25.95 22.39
C ASN B 18 -41.18 -27.11 21.77
N TRP B 19 -41.16 -27.20 20.44
CA TRP B 19 -41.87 -28.24 19.71
C TRP B 19 -41.35 -29.66 19.91
N GLY B 20 -40.20 -29.77 20.58
CA GLY B 20 -39.63 -31.07 20.84
C GLY B 20 -40.21 -31.72 22.07
N SER B 21 -40.68 -30.90 23.01
CA SER B 21 -41.27 -31.39 24.26
C SER B 21 -42.59 -30.70 24.59
N GLY B 22 -43.06 -29.84 23.69
CA GLY B 22 -44.31 -29.12 23.93
C GLY B 22 -44.22 -28.13 25.07
N GLU B 23 -43.05 -28.08 25.72
CA GLU B 23 -42.82 -27.19 26.85
C GLU B 23 -43.05 -25.73 26.48
N ILE B 24 -43.81 -25.03 27.32
CA ILE B 24 -44.14 -23.63 27.10
C ILE B 24 -43.38 -22.75 28.09
N LEU B 25 -42.91 -21.61 27.61
CA LEU B 25 -42.19 -20.66 28.44
C LEU B 25 -42.78 -19.27 28.26
N HIS B 26 -42.72 -18.47 29.33
CA HIS B 26 -43.25 -17.12 29.31
C HIS B 26 -42.11 -16.12 29.45
N ASP B 27 -41.92 -15.28 28.44
CA ASP B 27 -40.87 -14.29 28.47
C ASP B 27 -41.39 -12.93 28.91
N THR B 28 -40.78 -12.41 29.98
CA THR B 28 -41.13 -11.10 30.51
C THR B 28 -39.94 -10.15 30.37
N LEU B 29 -38.74 -10.73 30.36
CA LEU B 29 -37.49 -9.99 30.26
C LEU B 29 -37.37 -9.05 29.05
N HIS B 30 -38.09 -9.36 27.97
CA HIS B 30 -38.06 -8.53 26.78
C HIS B 30 -38.52 -7.08 27.03
N HIS B 31 -39.23 -6.87 28.15
CA HIS B 31 -39.72 -5.53 28.51
C HIS B 31 -38.56 -4.60 28.87
N LYS B 32 -37.50 -5.18 29.42
CA LYS B 32 -36.32 -4.42 29.83
C LYS B 32 -35.44 -4.02 28.64
N ALA B 33 -35.87 -4.38 27.44
CA ALA B 33 -35.13 -4.06 26.23
C ALA B 33 -35.31 -2.62 25.79
N THR B 34 -35.01 -1.67 26.69
CA THR B 34 -35.15 -0.23 26.43
C THR B 34 -34.63 0.21 25.06
N SER B 35 -33.58 -0.46 24.58
CA SER B 35 -32.98 -0.15 23.29
C SER B 35 -33.93 -0.44 22.13
N ASP B 36 -33.53 -0.09 20.91
CA ASP B 36 -34.34 -0.30 19.72
C ASP B 36 -33.91 -1.59 18.97
N PHE B 37 -34.36 -1.71 17.72
CA PHE B 37 -34.03 -2.89 16.91
C PHE B 37 -34.02 -2.64 15.40
N THR B 38 -33.93 -3.73 14.63
CA THR B 38 -33.87 -3.72 13.17
C THR B 38 -35.20 -3.61 12.45
N CYS B 39 -36.01 -4.66 12.59
CA CYS B 39 -37.33 -4.77 11.96
C CYS B 39 -38.15 -3.48 12.00
N LYS B 40 -38.54 -3.01 10.82
CA LYS B 40 -39.35 -1.78 10.69
C LYS B 40 -40.71 -1.94 11.36
N SER B 41 -41.76 -1.90 10.56
CA SER B 41 -43.13 -2.04 11.05
C SER B 41 -43.88 -3.12 10.26
N LYS B 42 -43.27 -3.59 9.17
CA LYS B 42 -43.89 -4.60 8.33
C LYS B 42 -42.87 -5.62 7.80
N SER B 43 -41.60 -5.39 8.11
CA SER B 43 -40.50 -6.26 7.68
C SER B 43 -39.70 -6.86 8.85
N CYS B 44 -38.71 -7.67 8.51
CA CYS B 44 -37.85 -8.32 9.49
C CYS B 44 -36.46 -8.54 8.94
N LEU B 45 -35.48 -7.92 9.58
CA LEU B 45 -34.07 -8.02 9.19
C LEU B 45 -33.39 -9.09 10.05
N GLY B 46 -34.12 -10.16 10.33
CA GLY B 46 -33.61 -11.25 11.14
C GLY B 46 -32.33 -11.93 10.67
N SER B 47 -32.20 -12.13 9.36
CA SER B 47 -31.00 -12.78 8.81
C SER B 47 -29.84 -11.86 8.46
N ILE B 48 -29.99 -10.57 8.72
CA ILE B 48 -28.92 -9.60 8.45
C ILE B 48 -27.78 -9.81 9.46
N MET B 49 -26.56 -9.94 8.96
CA MET B 49 -25.41 -10.15 9.83
C MET B 49 -25.03 -8.96 10.73
N ASN B 50 -24.80 -7.80 10.11
CA ASN B 50 -24.39 -6.60 10.87
C ASN B 50 -25.37 -5.43 10.76
N PRO B 51 -26.56 -5.57 11.37
CA PRO B 51 -27.53 -4.49 11.31
C PRO B 51 -27.15 -3.33 12.25
N LYS B 52 -27.69 -2.15 11.97
CA LYS B 52 -27.39 -0.96 12.77
C LYS B 52 -27.77 -1.09 14.24
N SER B 53 -28.84 -1.81 14.54
CA SER B 53 -29.28 -1.98 15.92
C SER B 53 -28.28 -2.74 16.78
N LEU B 54 -27.39 -3.49 16.14
CA LEU B 54 -26.36 -4.26 16.84
C LEU B 54 -24.98 -3.59 16.74
N THR B 55 -24.97 -2.41 16.15
CA THR B 55 -23.73 -1.66 15.98
C THR B 55 -23.73 -0.35 16.77
N ARG B 56 -22.62 -0.09 17.47
CA ARG B 56 -22.47 1.15 18.23
C ARG B 56 -21.30 1.91 17.62
N GLY B 57 -21.64 2.91 16.79
CA GLY B 57 -20.65 3.70 16.08
C GLY B 57 -19.76 4.64 16.88
N PRO B 58 -18.91 5.40 16.18
CA PRO B 58 -17.98 6.37 16.76
C PRO B 58 -18.64 7.68 17.20
N ARG B 59 -17.86 8.51 17.88
CA ARG B 59 -18.31 9.82 18.36
C ARG B 59 -17.21 10.86 18.16
N ASP B 60 -17.57 12.13 18.33
CA ASP B 60 -16.65 13.26 18.21
C ASP B 60 -16.86 14.21 19.39
N LYS B 61 -17.82 13.87 20.24
CA LYS B 61 -18.17 14.65 21.42
C LYS B 61 -18.58 13.66 22.52
N PRO B 62 -18.39 14.04 23.79
CA PRO B 62 -18.75 13.16 24.91
C PRO B 62 -20.26 12.88 24.93
N THR B 63 -20.64 11.77 25.57
CA THR B 63 -22.03 11.39 25.67
C THR B 63 -22.83 12.43 26.46
N PRO B 64 -23.89 13.01 25.84
CA PRO B 64 -24.73 14.02 26.46
C PRO B 64 -25.28 13.60 27.82
N LEU B 65 -25.27 14.54 28.75
CA LEU B 65 -25.74 14.34 30.12
C LEU B 65 -27.13 13.70 30.17
N GLU B 66 -28.10 14.33 29.49
CA GLU B 66 -29.48 13.84 29.45
C GLU B 66 -29.59 12.36 29.08
N GLU B 67 -28.65 11.89 28.27
CA GLU B 67 -28.63 10.51 27.83
C GLU B 67 -27.86 9.61 28.79
N LEU B 68 -26.65 10.04 29.15
CA LEU B 68 -25.76 9.29 30.05
C LEU B 68 -26.32 8.99 31.43
N LEU B 69 -26.74 10.03 32.13
CA LEU B 69 -27.27 9.93 33.49
C LEU B 69 -28.33 8.85 33.73
N PRO B 70 -29.39 8.78 32.89
CA PRO B 70 -30.43 7.76 33.07
C PRO B 70 -29.91 6.31 32.93
N HIS B 71 -29.00 6.10 31.98
CA HIS B 71 -28.40 4.79 31.77
C HIS B 71 -27.55 4.40 32.98
N ALA B 72 -26.79 5.36 33.50
CA ALA B 72 -25.92 5.14 34.65
C ALA B 72 -26.71 4.69 35.87
N ILE B 73 -27.81 5.38 36.17
CA ILE B 73 -28.65 5.04 37.30
C ILE B 73 -29.24 3.64 37.15
N GLU B 74 -29.67 3.32 35.93
CA GLU B 74 -30.26 2.02 35.62
C GLU B 74 -29.27 0.89 35.97
N PHE B 75 -28.03 1.04 35.51
CA PHE B 75 -27.00 0.03 35.79
C PHE B 75 -26.71 -0.11 37.29
N ILE B 76 -26.58 1.02 37.97
CA ILE B 76 -26.31 1.00 39.41
C ILE B 76 -27.41 0.23 40.13
N ASN B 77 -28.67 0.45 39.72
CA ASN B 77 -29.81 -0.23 40.32
C ASN B 77 -29.73 -1.74 40.04
N GLN B 78 -29.35 -2.07 38.82
CA GLN B 78 -29.21 -3.46 38.39
C GLN B 78 -28.09 -4.14 39.17
N TYR B 79 -26.98 -3.42 39.34
CA TYR B 79 -25.82 -3.94 40.06
C TYR B 79 -26.17 -4.28 41.51
N TYR B 80 -26.67 -3.28 42.24
CA TYR B 80 -27.05 -3.47 43.64
C TYR B 80 -28.25 -4.39 43.78
N GLY B 81 -29.09 -4.42 42.75
CA GLY B 81 -30.26 -5.28 42.76
C GLY B 81 -29.87 -6.73 42.56
N SER B 82 -28.62 -6.93 42.18
CA SER B 82 -28.04 -8.26 41.93
C SER B 82 -27.68 -9.00 43.22
N PHE B 83 -27.39 -8.24 44.28
CA PHE B 83 -27.01 -8.81 45.56
C PHE B 83 -28.12 -9.66 46.17
N LYS B 84 -27.75 -10.81 46.73
CA LYS B 84 -28.74 -11.68 47.35
C LYS B 84 -29.09 -11.09 48.72
N GLU B 85 -28.11 -10.39 49.30
CA GLU B 85 -28.27 -9.71 50.58
C GLU B 85 -28.12 -8.22 50.31
N ALA B 86 -29.25 -7.57 50.06
CA ALA B 86 -29.31 -6.14 49.76
C ALA B 86 -28.51 -5.25 50.70
N LYS B 87 -27.85 -4.25 50.12
CA LYS B 87 -27.06 -3.28 50.86
C LYS B 87 -27.60 -1.90 50.50
N ILE B 88 -28.82 -1.63 50.98
CA ILE B 88 -29.54 -0.38 50.74
C ILE B 88 -28.73 0.90 50.89
N GLU B 89 -28.03 1.03 52.00
CA GLU B 89 -27.21 2.22 52.26
C GLU B 89 -26.17 2.47 51.17
N GLU B 90 -25.41 1.42 50.83
CA GLU B 90 -24.37 1.53 49.79
C GLU B 90 -24.99 1.85 48.43
N HIS B 91 -26.15 1.27 48.17
CA HIS B 91 -26.88 1.47 46.91
C HIS B 91 -27.20 2.97 46.75
N LEU B 92 -27.88 3.54 47.74
CA LEU B 92 -28.25 4.96 47.72
C LEU B 92 -27.01 5.85 47.65
N ALA B 93 -25.97 5.48 48.39
CA ALA B 93 -24.74 6.26 48.41
C ALA B 93 -24.06 6.27 47.03
N ARG B 94 -24.08 5.12 46.36
CA ARG B 94 -23.48 4.99 45.04
C ARG B 94 -24.29 5.79 44.02
N LEU B 95 -25.61 5.72 44.11
CA LEU B 95 -26.50 6.44 43.20
C LEU B 95 -26.19 7.93 43.24
N GLU B 96 -26.12 8.46 44.47
CA GLU B 96 -25.83 9.88 44.67
C GLU B 96 -24.46 10.25 44.14
N ALA B 97 -23.45 9.47 44.49
CA ALA B 97 -22.07 9.69 44.05
C ALA B 97 -21.94 9.70 42.53
N VAL B 98 -22.49 8.69 41.87
CA VAL B 98 -22.45 8.60 40.42
C VAL B 98 -23.18 9.79 39.78
N THR B 99 -24.34 10.12 40.32
CA THR B 99 -25.13 11.25 39.82
C THR B 99 -24.31 12.53 39.85
N LYS B 100 -23.66 12.81 40.98
CA LYS B 100 -22.85 14.02 41.11
C LYS B 100 -21.63 14.03 40.21
N GLU B 101 -20.93 12.89 40.14
CA GLU B 101 -19.73 12.78 39.31
C GLU B 101 -20.06 13.15 37.87
N ILE B 102 -21.13 12.58 37.33
CA ILE B 102 -21.56 12.86 35.96
C ILE B 102 -21.94 14.33 35.76
N GLU B 103 -22.69 14.90 36.71
CA GLU B 103 -23.12 16.29 36.63
C GLU B 103 -21.96 17.29 36.70
N THR B 104 -20.94 16.97 37.49
CA THR B 104 -19.79 17.86 37.64
C THR B 104 -18.63 17.60 36.68
N THR B 105 -18.44 16.33 36.29
CA THR B 105 -17.34 15.96 35.39
C THR B 105 -17.78 15.63 33.97
N GLY B 106 -19.04 15.26 33.80
CA GLY B 106 -19.54 14.93 32.48
C GLY B 106 -19.55 13.44 32.20
N THR B 107 -18.98 12.66 33.11
CA THR B 107 -18.93 11.21 32.99
C THR B 107 -18.64 10.58 34.35
N TYR B 108 -18.33 9.29 34.38
CA TYR B 108 -18.03 8.61 35.63
C TYR B 108 -17.21 7.34 35.48
N GLN B 109 -16.59 6.94 36.58
CA GLN B 109 -15.76 5.75 36.63
C GLN B 109 -16.47 4.61 37.35
N LEU B 110 -16.39 3.41 36.80
CA LEU B 110 -16.99 2.24 37.42
C LEU B 110 -16.03 1.64 38.43
N THR B 111 -16.55 0.97 39.45
CA THR B 111 -15.71 0.30 40.43
C THR B 111 -15.29 -1.01 39.77
N LEU B 112 -14.29 -1.69 40.33
CA LEU B 112 -13.83 -2.97 39.78
C LEU B 112 -14.95 -3.99 39.82
N ASP B 113 -15.64 -4.10 40.97
CA ASP B 113 -16.73 -5.07 41.10
C ASP B 113 -17.87 -4.80 40.12
N GLU B 114 -18.13 -3.53 39.83
CA GLU B 114 -19.20 -3.17 38.88
C GLU B 114 -18.80 -3.60 37.49
N LEU B 115 -17.55 -3.31 37.11
CA LEU B 115 -17.03 -3.68 35.80
C LEU B 115 -17.12 -5.19 35.59
N ILE B 116 -16.68 -5.96 36.59
CA ILE B 116 -16.71 -7.41 36.53
C ILE B 116 -18.16 -7.88 36.30
N PHE B 117 -19.09 -7.28 37.04
CA PHE B 117 -20.50 -7.59 36.93
C PHE B 117 -20.98 -7.27 35.51
N ALA B 118 -20.57 -6.11 35.02
CA ALA B 118 -20.95 -5.64 33.70
C ALA B 118 -20.49 -6.55 32.56
N THR B 119 -19.26 -7.04 32.64
CA THR B 119 -18.72 -7.92 31.60
C THR B 119 -19.46 -9.24 31.56
N LYS B 120 -19.81 -9.77 32.74
CA LYS B 120 -20.54 -11.03 32.83
C LYS B 120 -21.99 -10.87 32.40
N MET B 121 -22.60 -9.73 32.72
CA MET B 121 -23.98 -9.46 32.32
C MET B 121 -24.06 -9.27 30.81
N ALA B 122 -23.11 -8.56 30.22
CA ALA B 122 -23.10 -8.37 28.77
C ALA B 122 -22.97 -9.72 28.07
N TRP B 123 -22.19 -10.62 28.64
CA TRP B 123 -22.02 -11.96 28.07
C TRP B 123 -23.36 -12.67 28.19
N ARG B 124 -23.95 -12.60 29.37
CA ARG B 124 -25.25 -13.22 29.62
C ARG B 124 -26.30 -12.69 28.65
N ASN B 125 -26.14 -11.42 28.23
CA ASN B 125 -27.07 -10.75 27.32
C ASN B 125 -26.70 -10.88 25.84
N ALA B 126 -25.68 -11.68 25.53
CA ALA B 126 -25.23 -11.87 24.14
C ALA B 126 -26.12 -12.93 23.47
N PRO B 127 -27.09 -12.49 22.65
CA PRO B 127 -28.02 -13.40 21.96
C PRO B 127 -27.41 -14.42 21.01
N ARG B 128 -26.26 -14.09 20.45
CA ARG B 128 -25.60 -14.99 19.52
C ARG B 128 -24.60 -15.98 20.11
N CYS B 129 -24.48 -16.04 21.44
CA CYS B 129 -23.54 -16.97 22.09
C CYS B 129 -24.19 -18.23 22.65
N ILE B 130 -23.72 -19.37 22.17
CA ILE B 130 -24.25 -20.63 22.63
C ILE B 130 -23.59 -21.13 23.93
N GLY B 131 -22.53 -20.47 24.38
CA GLY B 131 -21.85 -20.95 25.57
C GLY B 131 -22.15 -20.22 26.85
N ARG B 132 -23.28 -19.51 26.86
CA ARG B 132 -23.66 -18.72 28.01
C ARG B 132 -23.91 -19.42 29.33
N ILE B 133 -23.90 -20.75 29.35
CA ILE B 133 -24.07 -21.43 30.62
C ILE B 133 -22.85 -21.13 31.52
N GLN B 134 -21.75 -20.72 30.89
CA GLN B 134 -20.48 -20.40 31.57
C GLN B 134 -20.38 -18.92 31.95
N TRP B 135 -21.42 -18.14 31.66
CA TRP B 135 -21.44 -16.71 31.92
C TRP B 135 -20.88 -16.20 33.25
N SER B 136 -21.01 -16.98 34.31
CA SER B 136 -20.50 -16.56 35.62
C SER B 136 -19.03 -16.91 35.83
N ASN B 137 -18.44 -17.65 34.89
CA ASN B 137 -17.05 -18.05 34.96
C ASN B 137 -16.24 -17.23 33.94
N LEU B 138 -15.70 -16.11 34.39
CA LEU B 138 -14.95 -15.21 33.52
C LEU B 138 -13.86 -14.44 34.25
N GLN B 139 -12.65 -14.47 33.69
CA GLN B 139 -11.54 -13.75 34.27
C GLN B 139 -11.55 -12.36 33.65
N VAL B 140 -11.46 -11.33 34.49
CA VAL B 140 -11.47 -9.95 34.02
C VAL B 140 -10.12 -9.26 34.25
N PHE B 141 -9.51 -8.77 33.17
CA PHE B 141 -8.26 -8.05 33.26
C PHE B 141 -8.54 -6.55 33.11
N ASP B 142 -8.37 -5.82 34.21
CA ASP B 142 -8.62 -4.37 34.23
C ASP B 142 -7.42 -3.59 33.69
N ALA B 143 -7.53 -3.13 32.45
CA ALA B 143 -6.48 -2.35 31.81
C ALA B 143 -6.99 -0.95 31.51
N ARG B 144 -7.86 -0.44 32.37
CA ARG B 144 -8.44 0.89 32.18
C ARG B 144 -7.40 2.00 32.39
N ASN B 145 -6.24 1.65 32.93
CA ASN B 145 -5.18 2.62 33.16
C ASN B 145 -4.15 2.63 32.04
N CYS B 146 -4.37 1.78 31.04
CA CYS B 146 -3.47 1.67 29.89
C CYS B 146 -3.37 3.01 29.16
N SER B 147 -2.25 3.26 28.51
CA SER B 147 -2.09 4.53 27.80
C SER B 147 -1.34 4.44 26.47
N THR B 148 -0.45 3.48 26.34
CA THR B 148 0.30 3.37 25.08
C THR B 148 -0.02 2.09 24.31
N ALA B 149 0.33 2.07 23.03
CA ALA B 149 0.10 0.91 22.18
C ALA B 149 0.94 -0.27 22.66
N GLN B 150 2.14 0.03 23.16
CA GLN B 150 3.06 -0.99 23.68
C GLN B 150 2.43 -1.66 24.90
N GLU B 151 1.80 -0.86 25.75
CA GLU B 151 1.12 -1.37 26.95
C GLU B 151 -0.06 -2.26 26.55
N MET B 152 -0.77 -1.89 25.48
CA MET B 152 -1.91 -2.69 25.00
C MET B 152 -1.41 -4.07 24.60
N PHE B 153 -0.33 -4.08 23.84
CA PHE B 153 0.31 -5.30 23.35
C PHE B 153 0.66 -6.21 24.51
N GLN B 154 1.18 -5.62 25.57
CA GLN B 154 1.57 -6.38 26.76
C GLN B 154 0.34 -6.97 27.44
N HIS B 155 -0.73 -6.19 27.54
CA HIS B 155 -1.98 -6.68 28.16
C HIS B 155 -2.58 -7.83 27.35
N ILE B 156 -2.55 -7.69 26.02
CA ILE B 156 -3.08 -8.70 25.13
C ILE B 156 -2.27 -9.99 25.20
N CYS B 157 -0.94 -9.88 25.26
CA CYS B 157 -0.09 -11.06 25.37
C CYS B 157 -0.41 -11.81 26.66
N ARG B 158 -0.63 -11.06 27.74
CA ARG B 158 -0.96 -11.67 29.03
C ARG B 158 -2.32 -12.39 28.92
N HIS B 159 -3.27 -11.77 28.24
CA HIS B 159 -4.60 -12.36 28.06
C HIS B 159 -4.47 -13.71 27.32
N ILE B 160 -3.77 -13.69 26.20
CA ILE B 160 -3.55 -14.88 25.39
C ILE B 160 -2.91 -15.99 26.21
N LEU B 161 -1.86 -15.65 26.96
CA LEU B 161 -1.18 -16.62 27.79
C LEU B 161 -2.14 -17.23 28.84
N TYR B 162 -2.83 -16.38 29.60
CA TYR B 162 -3.79 -16.85 30.61
C TYR B 162 -4.90 -17.72 30.00
N ALA B 163 -5.55 -17.23 28.94
CA ALA B 163 -6.64 -17.93 28.28
C ALA B 163 -6.27 -19.26 27.66
N THR B 164 -5.11 -19.32 27.01
CA THR B 164 -4.64 -20.54 26.36
C THR B 164 -4.37 -21.64 27.39
N ASN B 165 -3.71 -21.23 28.46
CA ASN B 165 -3.37 -22.10 29.60
C ASN B 165 -2.90 -23.50 29.18
N ASN B 166 -2.02 -23.56 28.19
CA ASN B 166 -1.45 -24.83 27.72
C ASN B 166 -2.51 -25.82 27.19
N GLY B 167 -3.60 -25.30 26.62
CA GLY B 167 -4.64 -26.17 26.11
C GLY B 167 -5.92 -26.24 26.93
N ASN B 168 -5.81 -25.95 28.22
CA ASN B 168 -6.99 -25.97 29.10
C ASN B 168 -7.56 -24.55 29.03
N ILE B 169 -8.27 -24.25 27.94
CA ILE B 169 -8.84 -22.93 27.69
C ILE B 169 -9.67 -22.34 28.83
N ARG B 170 -9.40 -21.08 29.15
CA ARG B 170 -10.10 -20.35 30.21
C ARG B 170 -10.63 -19.06 29.60
N SER B 171 -11.90 -18.76 29.90
CA SER B 171 -12.58 -17.56 29.40
C SER B 171 -12.05 -16.31 30.09
N ALA B 172 -11.75 -15.29 29.29
CA ALA B 172 -11.24 -14.04 29.85
C ALA B 172 -11.55 -12.81 29.01
N ILE B 173 -11.49 -11.65 29.64
CA ILE B 173 -11.73 -10.42 28.93
C ILE B 173 -10.79 -9.35 29.46
N THR B 174 -10.28 -8.52 28.56
CA THR B 174 -9.39 -7.44 28.97
C THR B 174 -10.09 -6.12 28.65
N VAL B 175 -10.34 -5.33 29.68
CA VAL B 175 -11.04 -4.06 29.54
C VAL B 175 -10.08 -2.88 29.47
N PHE B 176 -10.07 -2.23 28.31
CA PHE B 176 -9.23 -1.06 28.09
C PHE B 176 -9.98 0.21 28.47
N PRO B 177 -9.31 1.38 28.48
CA PRO B 177 -9.98 2.63 28.85
C PRO B 177 -11.26 2.95 28.07
N GLN B 178 -12.29 3.37 28.81
CA GLN B 178 -13.57 3.72 28.21
C GLN B 178 -13.45 4.93 27.29
N ARG B 179 -14.43 5.07 26.42
CA ARG B 179 -14.46 6.19 25.49
C ARG B 179 -14.72 7.49 26.26
N SER B 180 -13.96 8.52 25.92
CA SER B 180 -14.12 9.81 26.57
C SER B 180 -14.89 10.75 25.65
N ASP B 181 -14.21 11.32 24.66
CA ASP B 181 -14.84 12.24 23.72
C ASP B 181 -14.96 11.65 22.32
N GLY B 182 -14.45 10.43 22.14
CA GLY B 182 -14.51 9.78 20.85
C GLY B 182 -13.31 10.06 19.96
N LYS B 183 -12.42 10.93 20.42
CA LYS B 183 -11.23 11.29 19.65
C LYS B 183 -10.01 10.56 20.17
N HIS B 184 -10.14 9.97 21.36
CA HIS B 184 -9.05 9.23 21.99
C HIS B 184 -9.39 7.75 22.22
N ASP B 185 -10.09 7.16 21.26
CA ASP B 185 -10.50 5.76 21.37
C ASP B 185 -9.39 4.71 21.32
N PHE B 186 -9.53 3.72 22.18
CA PHE B 186 -8.62 2.59 22.20
C PHE B 186 -9.34 1.57 21.32
N ARG B 187 -8.64 1.04 20.32
CA ARG B 187 -9.25 0.07 19.41
C ARG B 187 -8.26 -0.99 18.92
N LEU B 188 -8.77 -2.21 18.77
CA LEU B 188 -7.99 -3.30 18.21
C LEU B 188 -8.56 -3.42 16.80
N TRP B 189 -7.71 -3.19 15.80
CA TRP B 189 -8.16 -3.24 14.42
C TRP B 189 -8.44 -4.65 13.92
N ASN B 190 -7.86 -5.63 14.60
CA ASN B 190 -8.08 -7.04 14.26
C ASN B 190 -9.50 -7.44 14.65
N SER B 191 -10.09 -8.35 13.90
CA SER B 191 -11.43 -8.84 14.23
C SER B 191 -11.32 -9.84 15.37
N GLN B 192 -10.25 -10.63 15.35
CA GLN B 192 -10.00 -11.63 16.38
C GLN B 192 -8.54 -11.52 16.81
N LEU B 193 -8.21 -12.01 18.00
CA LEU B 193 -6.83 -11.95 18.46
C LEU B 193 -5.91 -12.81 17.60
N ILE B 194 -6.35 -14.03 17.31
CA ILE B 194 -5.56 -14.96 16.49
C ILE B 194 -6.37 -15.20 15.24
N ARG B 195 -5.71 -15.02 14.09
CA ARG B 195 -6.35 -15.19 12.79
C ARG B 195 -5.23 -15.39 11.74
N TYR B 196 -5.52 -16.17 10.70
CA TYR B 196 -4.55 -16.44 9.65
C TYR B 196 -4.62 -15.47 8.49
N ALA B 197 -3.45 -15.19 7.90
CA ALA B 197 -3.35 -14.27 6.78
C ALA B 197 -3.88 -14.84 5.47
N GLY B 198 -4.16 -13.93 4.54
CA GLY B 198 -4.64 -14.29 3.21
C GLY B 198 -3.80 -13.56 2.18
N TYR B 199 -3.30 -14.28 1.18
CA TYR B 199 -2.44 -13.66 0.18
C TYR B 199 -2.90 -13.87 -1.25
N GLN B 200 -2.84 -12.81 -2.03
CA GLN B 200 -3.19 -12.87 -3.44
C GLN B 200 -1.85 -13.12 -4.13
N MET B 201 -1.56 -14.38 -4.43
CA MET B 201 -0.29 -14.75 -5.07
C MET B 201 -0.13 -14.21 -6.49
N PRO B 202 1.13 -14.13 -6.97
CA PRO B 202 1.47 -13.65 -8.32
C PRO B 202 0.76 -14.42 -9.43
N ASP B 203 0.62 -15.74 -9.27
CA ASP B 203 -0.05 -16.56 -10.28
C ASP B 203 -1.58 -16.47 -10.27
N GLY B 204 -2.10 -15.60 -9.41
CA GLY B 204 -3.54 -15.40 -9.31
C GLY B 204 -4.24 -16.21 -8.23
N THR B 205 -3.60 -17.27 -7.75
CA THR B 205 -4.20 -18.11 -6.73
C THR B 205 -4.19 -17.43 -5.36
N ILE B 206 -5.14 -17.82 -4.51
CA ILE B 206 -5.23 -17.27 -3.17
C ILE B 206 -4.59 -18.24 -2.18
N ARG B 207 -3.71 -17.74 -1.32
CA ARG B 207 -3.06 -18.58 -0.33
C ARG B 207 -3.45 -18.16 1.08
N GLY B 208 -3.76 -19.12 1.94
CA GLY B 208 -4.15 -18.79 3.30
C GLY B 208 -5.65 -18.60 3.43
N ASP B 209 -6.08 -17.73 4.34
CA ASP B 209 -7.49 -17.46 4.59
C ASP B 209 -8.01 -16.36 3.67
N ALA B 210 -8.73 -16.77 2.63
CA ALA B 210 -9.27 -15.84 1.66
C ALA B 210 -10.11 -14.71 2.26
N ALA B 211 -10.68 -14.95 3.44
CA ALA B 211 -11.50 -13.93 4.09
C ALA B 211 -10.70 -12.78 4.70
N THR B 212 -9.39 -12.97 4.89
CA THR B 212 -8.55 -11.91 5.45
C THR B 212 -7.64 -11.19 4.44
N LEU B 213 -7.94 -11.31 3.14
CA LEU B 213 -7.14 -10.66 2.11
C LEU B 213 -6.93 -9.16 2.35
N GLU B 214 -8.03 -8.44 2.54
CA GLU B 214 -7.97 -6.99 2.75
C GLU B 214 -7.22 -6.58 4.01
N PHE B 215 -7.48 -7.28 5.12
CA PHE B 215 -6.81 -6.94 6.36
C PHE B 215 -5.34 -7.29 6.32
N THR B 216 -4.99 -8.38 5.63
CA THR B 216 -3.61 -8.80 5.50
C THR B 216 -2.86 -7.72 4.73
N GLN B 217 -3.50 -7.19 3.68
CA GLN B 217 -2.89 -6.14 2.86
C GLN B 217 -2.69 -4.90 3.73
N LEU B 218 -3.65 -4.61 4.59
CA LEU B 218 -3.54 -3.46 5.49
C LEU B 218 -2.32 -3.60 6.40
N CYS B 219 -2.08 -4.81 6.89
CA CYS B 219 -0.93 -5.06 7.76
C CYS B 219 0.37 -4.84 7.00
N ILE B 220 0.40 -5.32 5.76
CA ILE B 220 1.55 -5.18 4.87
C ILE B 220 1.81 -3.70 4.60
N ASP B 221 0.74 -2.94 4.37
CA ASP B 221 0.83 -1.51 4.10
C ASP B 221 1.37 -0.76 5.32
N LEU B 222 1.18 -1.35 6.50
CA LEU B 222 1.64 -0.72 7.75
C LEU B 222 3.04 -1.16 8.16
N GLY B 223 3.72 -1.92 7.30
CA GLY B 223 5.06 -2.36 7.61
C GLY B 223 5.26 -3.81 7.99
N TRP B 224 4.16 -4.58 8.06
CA TRP B 224 4.28 -5.98 8.42
C TRP B 224 4.89 -6.77 7.26
N LYS B 225 5.76 -7.71 7.59
CA LYS B 225 6.41 -8.53 6.58
C LYS B 225 5.62 -9.79 6.25
N PRO B 226 5.09 -9.90 5.03
CA PRO B 226 4.30 -11.06 4.58
C PRO B 226 5.17 -12.31 4.44
N ARG B 227 4.70 -13.42 5.00
CA ARG B 227 5.45 -14.66 4.95
C ARG B 227 4.96 -15.64 3.89
N TYR B 228 3.86 -15.27 3.24
CA TYR B 228 3.25 -16.06 2.18
C TYR B 228 3.00 -17.54 2.46
N GLY B 229 2.49 -17.82 3.66
CA GLY B 229 2.18 -19.19 4.04
C GLY B 229 0.67 -19.40 4.10
N ARG B 230 0.28 -20.65 4.30
CA ARG B 230 -1.14 -21.01 4.38
C ARG B 230 -1.73 -20.68 5.75
N PHE B 231 -0.87 -20.67 6.77
CA PHE B 231 -1.29 -20.41 8.14
C PHE B 231 -0.38 -19.43 8.86
N ASP B 232 -0.27 -18.23 8.32
CA ASP B 232 0.54 -17.19 8.93
C ASP B 232 -0.31 -16.39 9.89
N VAL B 233 0.05 -16.41 11.16
CA VAL B 233 -0.67 -15.67 12.19
C VAL B 233 -0.51 -14.16 11.96
N LEU B 234 -1.63 -13.47 11.83
CA LEU B 234 -1.64 -12.03 11.61
C LEU B 234 -1.16 -11.27 12.83
N PRO B 235 -0.51 -10.11 12.61
CA PRO B 235 -0.01 -9.31 13.72
C PRO B 235 -1.14 -8.47 14.34
N LEU B 236 -0.95 -8.02 15.57
CA LEU B 236 -1.93 -7.16 16.23
C LEU B 236 -1.76 -5.72 15.73
N VAL B 237 -2.86 -5.09 15.31
CA VAL B 237 -2.86 -3.71 14.84
C VAL B 237 -3.59 -2.97 15.95
N LEU B 238 -2.82 -2.28 16.80
CA LEU B 238 -3.37 -1.58 17.95
C LEU B 238 -3.39 -0.05 17.92
N GLN B 239 -4.57 0.48 18.23
CA GLN B 239 -4.81 1.91 18.26
C GLN B 239 -4.93 2.33 19.72
N ALA B 240 -4.03 3.21 20.16
CA ALA B 240 -4.04 3.69 21.54
C ALA B 240 -4.30 5.20 21.62
N ASP B 241 -5.27 5.57 22.48
CA ASP B 241 -5.63 6.96 22.71
C ASP B 241 -5.92 7.74 21.42
N GLY B 242 -6.57 7.08 20.48
CA GLY B 242 -6.93 7.71 19.22
C GLY B 242 -5.80 7.93 18.24
N GLN B 243 -4.58 7.55 18.63
CA GLN B 243 -3.41 7.70 17.77
C GLN B 243 -3.42 6.65 16.65
N ASP B 244 -2.63 6.90 15.61
CA ASP B 244 -2.51 5.98 14.48
C ASP B 244 -2.15 4.59 15.02
N PRO B 245 -2.70 3.54 14.39
CA PRO B 245 -2.44 2.16 14.81
C PRO B 245 -0.99 1.69 14.64
N GLU B 246 -0.52 0.89 15.59
CA GLU B 246 0.83 0.35 15.57
C GLU B 246 0.76 -1.18 15.44
N VAL B 247 1.68 -1.73 14.64
CA VAL B 247 1.72 -3.17 14.40
C VAL B 247 2.64 -3.91 15.35
N PHE B 248 2.13 -5.00 15.92
CA PHE B 248 2.87 -5.83 16.85
C PHE B 248 2.71 -7.31 16.52
N GLU B 249 3.80 -7.97 16.15
CA GLU B 249 3.73 -9.40 15.85
C GLU B 249 3.52 -10.17 17.15
N ILE B 250 2.62 -11.15 17.10
CA ILE B 250 2.33 -11.98 18.27
C ILE B 250 3.43 -13.02 18.45
N PRO B 251 4.06 -13.06 19.63
CA PRO B 251 5.13 -14.03 19.92
C PRO B 251 4.62 -15.44 19.69
N PRO B 252 5.22 -16.16 18.74
CA PRO B 252 4.87 -17.54 18.37
C PRO B 252 4.71 -18.51 19.53
N ASP B 253 5.46 -18.30 20.61
CA ASP B 253 5.38 -19.18 21.78
C ASP B 253 4.04 -19.06 22.49
N LEU B 254 3.30 -17.99 22.20
CA LEU B 254 2.00 -17.77 22.82
C LEU B 254 0.83 -18.31 21.99
N VAL B 255 1.07 -18.60 20.72
CA VAL B 255 0.02 -19.11 19.84
C VAL B 255 -0.01 -20.64 19.81
N LEU B 256 -0.96 -21.23 20.52
CA LEU B 256 -1.09 -22.68 20.53
C LEU B 256 -1.90 -23.13 19.31
N GLU B 257 -1.42 -24.17 18.65
CA GLU B 257 -2.12 -24.68 17.48
C GLU B 257 -2.37 -26.18 17.58
N VAL B 258 -3.31 -26.67 16.78
CA VAL B 258 -3.65 -28.09 16.75
C VAL B 258 -3.52 -28.58 15.31
N THR B 259 -2.72 -29.64 15.12
CA THR B 259 -2.51 -30.25 13.80
C THR B 259 -3.67 -31.22 13.53
N MET B 260 -4.25 -31.12 12.33
CA MET B 260 -5.39 -31.95 11.96
C MET B 260 -5.07 -33.36 11.47
N GLU B 261 -5.70 -34.34 12.13
CA GLU B 261 -5.55 -35.76 11.81
C GLU B 261 -6.93 -36.41 11.92
N HIS B 262 -7.11 -37.50 11.17
CA HIS B 262 -8.36 -38.22 11.23
C HIS B 262 -8.07 -39.56 11.89
N PRO B 263 -8.95 -40.01 12.80
CA PRO B 263 -8.76 -41.29 13.51
C PRO B 263 -8.69 -42.53 12.61
N LYS B 264 -9.20 -42.42 11.40
CA LYS B 264 -9.18 -43.56 10.47
C LYS B 264 -8.44 -43.24 9.17
N TYR B 265 -8.69 -42.06 8.63
CA TYR B 265 -8.04 -41.65 7.37
C TYR B 265 -6.63 -41.11 7.59
N GLU B 266 -5.63 -41.97 7.37
CA GLU B 266 -4.24 -41.57 7.54
C GLU B 266 -3.85 -40.46 6.56
N TRP B 267 -4.54 -40.39 5.43
CA TRP B 267 -4.26 -39.38 4.42
C TRP B 267 -4.71 -37.97 4.82
N PHE B 268 -5.60 -37.86 5.81
CA PHE B 268 -6.09 -36.55 6.25
C PHE B 268 -4.95 -35.64 6.64
N GLN B 269 -3.94 -36.24 7.27
CA GLN B 269 -2.74 -35.52 7.69
C GLN B 269 -2.05 -34.89 6.48
N GLU B 270 -2.10 -35.57 5.34
CA GLU B 270 -1.47 -35.10 4.11
C GLU B 270 -2.05 -33.76 3.65
N LEU B 271 -3.23 -33.42 4.16
CA LEU B 271 -3.87 -32.16 3.80
C LEU B 271 -3.08 -30.97 4.37
N GLY B 272 -2.26 -31.22 5.39
CA GLY B 272 -1.46 -30.17 6.01
C GLY B 272 -2.24 -29.10 6.76
N LEU B 273 -3.42 -29.48 7.25
CA LEU B 273 -4.28 -28.53 7.96
C LEU B 273 -3.99 -28.39 9.45
N LYS B 274 -4.22 -27.19 9.96
CA LYS B 274 -4.08 -26.93 11.39
C LYS B 274 -4.93 -25.72 11.70
N TRP B 275 -5.12 -25.45 12.99
CA TRP B 275 -5.90 -24.30 13.42
C TRP B 275 -5.46 -23.88 14.82
N TYR B 276 -5.73 -22.63 15.17
CA TYR B 276 -5.37 -22.12 16.50
C TYR B 276 -6.38 -22.57 17.56
N ALA B 277 -5.91 -22.69 18.79
CA ALA B 277 -6.75 -23.15 19.88
C ALA B 277 -7.56 -22.06 20.57
N LEU B 278 -7.14 -20.81 20.40
CA LEU B 278 -7.79 -19.69 21.06
C LEU B 278 -8.74 -18.85 20.22
N PRO B 279 -10.05 -18.97 20.47
CA PRO B 279 -11.08 -18.22 19.75
C PRO B 279 -11.38 -16.93 20.52
N ALA B 280 -10.89 -15.80 20.04
CA ALA B 280 -11.09 -14.54 20.75
C ALA B 280 -11.53 -13.38 19.89
N VAL B 281 -12.65 -12.75 20.26
CA VAL B 281 -13.16 -11.60 19.52
C VAL B 281 -12.44 -10.36 20.04
N ALA B 282 -11.99 -9.50 19.13
CA ALA B 282 -11.25 -8.33 19.58
C ALA B 282 -11.71 -6.97 19.13
N ASN B 283 -12.77 -6.91 18.33
CA ASN B 283 -13.27 -5.64 17.81
C ASN B 283 -14.66 -5.19 18.27
N MET B 284 -15.20 -5.82 19.32
CA MET B 284 -16.52 -5.41 19.79
C MET B 284 -16.47 -4.37 20.91
N LEU B 285 -17.57 -3.68 21.11
CA LEU B 285 -17.69 -2.63 22.12
C LEU B 285 -18.60 -3.03 23.28
N LEU B 286 -18.12 -2.84 24.50
CA LEU B 286 -18.91 -3.15 25.68
C LEU B 286 -19.65 -1.88 26.12
N GLU B 287 -20.98 -1.97 26.15
CA GLU B 287 -21.83 -0.86 26.57
C GLU B 287 -22.34 -1.18 27.97
N VAL B 288 -22.15 -0.23 28.88
CA VAL B 288 -22.59 -0.40 30.26
C VAL B 288 -22.85 0.96 30.92
N GLY B 289 -24.06 1.11 31.45
CA GLY B 289 -24.45 2.34 32.12
C GLY B 289 -24.14 3.63 31.36
N GLY B 290 -24.30 3.60 30.04
CA GLY B 290 -24.02 4.80 29.28
C GLY B 290 -22.58 4.90 28.82
N LEU B 291 -21.70 4.18 29.51
CA LEU B 291 -20.29 4.16 29.16
C LEU B 291 -20.05 3.22 27.97
N GLU B 292 -18.99 3.51 27.21
CA GLU B 292 -18.61 2.69 26.06
C GLU B 292 -17.13 2.33 26.11
N PHE B 293 -16.84 1.05 25.93
CA PHE B 293 -15.47 0.52 25.92
C PHE B 293 -15.19 -0.03 24.52
N PRO B 294 -14.62 0.81 23.64
CA PRO B 294 -14.30 0.43 22.26
C PRO B 294 -13.31 -0.71 22.10
N ALA B 295 -12.54 -0.97 23.16
CA ALA B 295 -11.55 -2.04 23.14
C ALA B 295 -11.70 -2.92 24.37
N CYS B 296 -12.15 -4.15 24.14
CA CYS B 296 -12.36 -5.14 25.20
C CYS B 296 -12.40 -6.54 24.59
N PRO B 297 -11.22 -7.05 24.20
CA PRO B 297 -11.16 -8.38 23.60
C PRO B 297 -11.55 -9.46 24.63
N PHE B 298 -12.28 -10.47 24.17
CA PHE B 298 -12.72 -11.54 25.04
C PHE B 298 -12.65 -12.85 24.29
N ASN B 299 -12.60 -13.94 25.04
CA ASN B 299 -12.53 -15.25 24.44
C ASN B 299 -13.23 -16.29 25.28
N GLY B 300 -13.48 -17.43 24.65
CA GLY B 300 -14.09 -18.59 25.28
C GLY B 300 -13.32 -19.74 24.66
N TRP B 301 -13.99 -20.84 24.29
CA TRP B 301 -13.34 -21.96 23.63
C TRP B 301 -14.11 -22.34 22.36
N TYR B 302 -13.49 -23.15 21.53
CA TYR B 302 -14.07 -23.55 20.26
C TYR B 302 -15.17 -24.61 20.29
N MET B 303 -16.04 -24.51 19.29
CA MET B 303 -17.09 -25.49 19.06
C MET B 303 -16.54 -26.06 17.75
N GLY B 304 -16.48 -27.38 17.67
CA GLY B 304 -15.96 -28.08 16.50
C GLY B 304 -16.38 -27.65 15.11
N THR B 305 -17.68 -27.38 14.95
CA THR B 305 -18.20 -26.96 13.66
C THR B 305 -17.66 -25.62 13.13
N GLU B 306 -17.17 -24.77 14.02
CA GLU B 306 -16.64 -23.48 13.60
C GLU B 306 -15.44 -23.69 12.68
N ILE B 307 -14.60 -24.65 13.05
CA ILE B 307 -13.40 -24.98 12.27
C ILE B 307 -13.74 -25.97 11.17
N GLY B 308 -14.29 -27.13 11.55
CA GLY B 308 -14.61 -28.15 10.57
C GLY B 308 -15.58 -27.73 9.48
N VAL B 309 -16.55 -26.91 9.83
CA VAL B 309 -17.55 -26.51 8.85
C VAL B 309 -17.35 -25.14 8.21
N ARG B 310 -17.18 -24.10 9.03
CA ARG B 310 -17.03 -22.74 8.52
C ARG B 310 -15.62 -22.44 7.99
N ASP B 311 -14.61 -22.56 8.84
CA ASP B 311 -13.23 -22.27 8.43
C ASP B 311 -12.75 -23.16 7.32
N PHE B 312 -12.99 -24.47 7.44
CA PHE B 312 -12.54 -25.41 6.43
C PHE B 312 -13.45 -25.60 5.22
N CYS B 313 -14.78 -25.57 5.41
CA CYS B 313 -15.70 -25.82 4.31
C CYS B 313 -16.42 -24.67 3.59
N ASP B 314 -16.38 -23.47 4.17
CA ASP B 314 -16.98 -22.33 3.49
C ASP B 314 -16.16 -22.13 2.20
N THR B 315 -16.86 -21.86 1.10
CA THR B 315 -16.24 -21.64 -0.21
C THR B 315 -15.32 -20.42 -0.24
N GLN B 316 -15.64 -19.41 0.55
CA GLN B 316 -14.84 -18.19 0.62
C GLN B 316 -13.73 -18.28 1.69
N ARG B 317 -13.49 -19.47 2.23
CA ARG B 317 -12.46 -19.68 3.25
C ARG B 317 -11.42 -20.67 2.73
N TYR B 318 -11.11 -21.71 3.50
CA TYR B 318 -10.14 -22.71 3.06
C TYR B 318 -10.66 -23.68 1.98
N ASN B 319 -11.98 -23.76 1.84
CA ASN B 319 -12.65 -24.57 0.82
C ASN B 319 -12.03 -25.94 0.53
N ILE B 320 -11.95 -26.79 1.56
CA ILE B 320 -11.36 -28.11 1.38
C ILE B 320 -12.37 -29.22 1.13
N LEU B 321 -13.64 -28.84 0.95
CA LEU B 321 -14.71 -29.82 0.78
C LEU B 321 -14.55 -30.80 -0.37
N GLU B 322 -14.36 -30.30 -1.58
CA GLU B 322 -14.18 -31.16 -2.74
C GLU B 322 -12.95 -32.07 -2.60
N GLU B 323 -11.85 -31.50 -2.15
CA GLU B 323 -10.61 -32.27 -1.96
C GLU B 323 -10.85 -33.47 -1.06
N VAL B 324 -11.51 -33.23 0.07
CA VAL B 324 -11.80 -34.28 1.03
C VAL B 324 -12.73 -35.32 0.41
N GLY B 325 -13.76 -34.85 -0.31
CA GLY B 325 -14.69 -35.74 -0.96
C GLY B 325 -14.01 -36.68 -1.95
N ARG B 326 -13.04 -36.18 -2.71
CA ARG B 326 -12.32 -36.99 -3.67
C ARG B 326 -11.45 -38.05 -3.01
N ARG B 327 -10.76 -37.67 -1.95
CA ARG B 327 -9.91 -38.61 -1.23
C ARG B 327 -10.72 -39.71 -0.55
N MET B 328 -12.01 -39.45 -0.33
CA MET B 328 -12.90 -40.44 0.28
C MET B 328 -13.49 -41.34 -0.79
N GLY B 329 -13.23 -41.00 -2.05
CA GLY B 329 -13.73 -41.77 -3.18
C GLY B 329 -15.23 -41.62 -3.40
N LEU B 330 -15.76 -40.43 -3.12
CA LEU B 330 -17.18 -40.17 -3.27
C LEU B 330 -17.55 -39.62 -4.65
N GLU B 331 -18.84 -39.63 -4.96
CA GLU B 331 -19.35 -39.13 -6.24
C GLU B 331 -19.47 -37.60 -6.15
N THR B 332 -18.32 -36.93 -6.11
CA THR B 332 -18.27 -35.48 -5.99
C THR B 332 -18.84 -34.71 -7.19
N HIS B 333 -19.31 -35.43 -8.20
CA HIS B 333 -19.89 -34.79 -9.36
C HIS B 333 -21.41 -34.92 -9.44
N THR B 334 -21.99 -35.55 -8.42
CA THR B 334 -23.44 -35.75 -8.34
C THR B 334 -23.91 -35.23 -6.98
N LEU B 335 -24.50 -34.04 -6.99
CA LEU B 335 -24.99 -33.41 -5.77
C LEU B 335 -25.90 -34.29 -4.95
N ALA B 336 -26.87 -34.92 -5.62
CA ALA B 336 -27.85 -35.79 -4.98
C ALA B 336 -27.24 -36.98 -4.24
N SER B 337 -25.98 -37.29 -4.52
CA SER B 337 -25.32 -38.40 -3.86
C SER B 337 -25.09 -38.10 -2.38
N LEU B 338 -25.19 -36.83 -1.98
CA LEU B 338 -24.96 -36.39 -0.60
C LEU B 338 -23.49 -36.56 -0.15
N TRP B 339 -22.58 -36.51 -1.11
CA TRP B 339 -21.15 -36.63 -0.83
C TRP B 339 -20.69 -35.49 0.08
N LYS B 340 -21.30 -34.31 -0.07
CA LYS B 340 -20.91 -33.17 0.77
C LYS B 340 -21.23 -33.45 2.24
N ASP B 341 -22.42 -34.02 2.49
CA ASP B 341 -22.84 -34.35 3.84
C ASP B 341 -21.87 -35.33 4.49
N ARG B 342 -21.44 -36.33 3.71
CA ARG B 342 -20.51 -37.33 4.20
C ARG B 342 -19.12 -36.75 4.50
N ALA B 343 -18.61 -35.92 3.59
CA ALA B 343 -17.30 -35.30 3.73
C ALA B 343 -17.19 -34.35 4.92
N VAL B 344 -18.17 -33.43 5.04
CA VAL B 344 -18.16 -32.47 6.12
C VAL B 344 -18.12 -33.15 7.48
N THR B 345 -18.86 -34.24 7.61
CA THR B 345 -18.90 -34.98 8.87
C THR B 345 -17.54 -35.57 9.21
N GLU B 346 -16.81 -36.04 8.19
CA GLU B 346 -15.49 -36.58 8.46
C GLU B 346 -14.52 -35.47 8.87
N ILE B 347 -14.69 -34.26 8.32
CA ILE B 347 -13.85 -33.12 8.68
C ILE B 347 -14.17 -32.74 10.14
N ASN B 348 -15.45 -32.76 10.51
CA ASN B 348 -15.86 -32.46 11.87
C ASN B 348 -15.27 -33.47 12.83
N VAL B 349 -15.24 -34.74 12.43
CA VAL B 349 -14.68 -35.79 13.28
C VAL B 349 -13.17 -35.55 13.48
N ALA B 350 -12.49 -35.15 12.41
CA ALA B 350 -11.05 -34.88 12.44
C ALA B 350 -10.72 -33.76 13.42
N VAL B 351 -11.49 -32.68 13.35
CA VAL B 351 -11.29 -31.52 14.23
C VAL B 351 -11.42 -31.91 15.70
N LEU B 352 -12.51 -32.59 16.06
CA LEU B 352 -12.71 -32.99 17.45
C LEU B 352 -11.63 -33.96 17.89
N HIS B 353 -11.35 -34.94 17.05
CA HIS B 353 -10.33 -35.93 17.34
C HIS B 353 -8.97 -35.24 17.58
N SER B 354 -8.60 -34.30 16.73
CA SER B 354 -7.32 -33.61 16.84
C SER B 354 -7.17 -32.81 18.12
N PHE B 355 -8.19 -32.02 18.46
CA PHE B 355 -8.17 -31.21 19.66
C PHE B 355 -8.11 -32.13 20.89
N GLN B 356 -8.91 -33.19 20.88
CA GLN B 356 -8.92 -34.12 22.00
C GLN B 356 -7.56 -34.79 22.20
N LYS B 357 -6.99 -35.28 21.11
CA LYS B 357 -5.70 -35.96 21.16
C LYS B 357 -4.60 -35.05 21.70
N GLN B 358 -4.62 -33.79 21.27
CA GLN B 358 -3.62 -32.82 21.71
C GLN B 358 -3.99 -32.12 23.01
N ASN B 359 -5.02 -32.64 23.68
CA ASN B 359 -5.50 -32.12 24.95
C ASN B 359 -5.88 -30.64 24.97
N VAL B 360 -6.57 -30.20 23.92
CA VAL B 360 -7.00 -28.80 23.84
C VAL B 360 -8.51 -28.76 23.93
N THR B 361 -9.02 -27.89 24.79
CA THR B 361 -10.45 -27.73 25.02
C THR B 361 -11.25 -27.46 23.74
N ILE B 362 -12.32 -28.23 23.57
CA ILE B 362 -13.21 -28.08 22.44
C ILE B 362 -14.53 -28.79 22.78
N MET B 363 -15.61 -28.39 22.13
CA MET B 363 -16.91 -29.02 22.37
C MET B 363 -17.60 -29.27 21.03
N ASP B 364 -18.31 -30.40 20.94
CA ASP B 364 -19.03 -30.71 19.71
C ASP B 364 -20.35 -29.92 19.77
N HIS B 365 -21.00 -29.77 18.62
CA HIS B 365 -22.24 -29.01 18.54
C HIS B 365 -23.46 -29.58 19.26
N HIS B 366 -23.50 -30.90 19.41
CA HIS B 366 -24.61 -31.56 20.11
C HIS B 366 -24.57 -31.22 21.58
N THR B 367 -23.41 -31.43 22.20
CA THR B 367 -23.21 -31.14 23.62
C THR B 367 -23.45 -29.66 23.88
N ALA B 368 -22.97 -28.82 22.98
CA ALA B 368 -23.13 -27.38 23.13
C ALA B 368 -24.61 -27.01 23.08
N SER B 369 -25.33 -27.62 22.16
CA SER B 369 -26.76 -27.34 22.02
C SER B 369 -27.54 -27.72 23.27
N GLU B 370 -27.27 -28.92 23.81
CA GLU B 370 -27.92 -29.38 25.03
C GLU B 370 -27.52 -28.49 26.19
N SER B 371 -26.29 -27.99 26.15
CA SER B 371 -25.80 -27.10 27.20
C SER B 371 -26.58 -25.77 27.19
N PHE B 372 -26.75 -25.19 26.01
CA PHE B 372 -27.48 -23.94 25.91
C PHE B 372 -28.95 -24.09 26.30
N MET B 373 -29.54 -25.24 25.97
CA MET B 373 -30.95 -25.51 26.30
C MET B 373 -31.14 -25.49 27.81
N LYS B 374 -30.16 -26.04 28.53
CA LYS B 374 -30.18 -26.07 29.99
C LYS B 374 -30.07 -24.65 30.52
N HIS B 375 -29.18 -23.87 29.93
CA HIS B 375 -28.98 -22.48 30.33
C HIS B 375 -30.25 -21.65 30.11
N MET B 376 -30.91 -21.85 28.96
CA MET B 376 -32.11 -21.12 28.63
C MET B 376 -33.20 -21.34 29.69
N GLN B 377 -33.32 -22.58 30.15
CA GLN B 377 -34.30 -22.95 31.16
C GLN B 377 -33.95 -22.30 32.51
N ASN B 378 -32.67 -22.27 32.85
CA ASN B 378 -32.21 -21.65 34.08
C ASN B 378 -32.51 -20.15 34.02
N GLU B 379 -32.28 -19.55 32.85
CA GLU B 379 -32.51 -18.12 32.65
C GLU B 379 -33.97 -17.70 32.75
N TYR B 380 -34.87 -18.51 32.20
CA TYR B 380 -36.30 -18.19 32.29
C TYR B 380 -36.78 -18.31 33.73
N ARG B 381 -36.15 -19.20 34.48
CA ARG B 381 -36.49 -19.40 35.89
C ARG B 381 -35.90 -18.28 36.75
N ALA B 382 -34.66 -17.90 36.43
CA ALA B 382 -33.96 -16.86 37.16
C ALA B 382 -34.48 -15.45 36.92
N ARG B 383 -34.64 -15.05 35.66
CA ARG B 383 -35.12 -13.72 35.36
C ARG B 383 -36.18 -13.62 34.28
N GLY B 384 -36.88 -14.73 34.07
CA GLY B 384 -37.96 -14.76 33.09
C GLY B 384 -37.62 -14.39 31.65
N GLY B 385 -36.53 -14.96 31.12
CA GLY B 385 -36.17 -14.66 29.75
C GLY B 385 -34.71 -14.90 29.40
N CYS B 386 -34.43 -15.03 28.11
CA CYS B 386 -33.07 -15.24 27.59
C CYS B 386 -33.04 -14.81 26.14
N PRO B 387 -32.45 -13.64 25.87
CA PRO B 387 -32.37 -13.14 24.49
C PRO B 387 -31.55 -14.15 23.67
N ALA B 388 -32.13 -14.64 22.57
CA ALA B 388 -31.43 -15.63 21.77
C ALA B 388 -31.69 -15.44 20.29
N ASP B 389 -30.63 -15.55 19.51
CA ASP B 389 -30.73 -15.41 18.06
C ASP B 389 -30.65 -16.82 17.48
N TRP B 390 -31.82 -17.38 17.18
CA TRP B 390 -31.95 -18.72 16.61
C TRP B 390 -31.00 -18.95 15.42
N ILE B 391 -30.95 -17.97 14.53
CA ILE B 391 -30.10 -18.07 13.34
C ILE B 391 -28.64 -18.36 13.65
N TRP B 392 -28.14 -17.81 14.75
CA TRP B 392 -26.77 -18.04 15.16
C TRP B 392 -26.58 -19.23 16.10
N LEU B 393 -27.62 -19.55 16.87
CA LEU B 393 -27.57 -20.65 17.84
C LEU B 393 -27.71 -22.05 17.26
N VAL B 394 -28.38 -22.17 16.12
CA VAL B 394 -28.51 -23.46 15.47
C VAL B 394 -27.20 -23.69 14.69
N PRO B 395 -26.50 -24.82 14.92
CA PRO B 395 -25.23 -25.23 14.28
C PRO B 395 -25.32 -25.26 12.75
N PRO B 396 -24.19 -25.01 12.05
CA PRO B 396 -24.11 -25.00 10.58
C PRO B 396 -24.32 -26.39 9.96
N VAL B 397 -24.40 -27.43 10.78
CA VAL B 397 -24.69 -28.78 10.31
C VAL B 397 -25.60 -29.43 11.34
N SER B 398 -26.33 -30.45 10.91
CA SER B 398 -27.21 -31.20 11.80
C SER B 398 -28.23 -30.38 12.57
N GLY B 399 -28.70 -29.31 11.92
CA GLY B 399 -29.65 -28.41 12.53
C GLY B 399 -30.76 -29.00 13.36
N SER B 400 -31.69 -29.74 12.74
CA SER B 400 -32.82 -30.30 13.48
C SER B 400 -32.47 -31.47 14.39
N ILE B 401 -31.21 -31.91 14.34
CA ILE B 401 -30.77 -33.01 15.18
C ILE B 401 -30.44 -32.43 16.59
N THR B 402 -30.31 -31.10 16.66
CA THR B 402 -30.03 -30.43 17.93
C THR B 402 -31.35 -29.91 18.49
N PRO B 403 -31.48 -29.86 19.82
CA PRO B 403 -32.72 -29.38 20.45
C PRO B 403 -33.05 -27.90 20.23
N VAL B 404 -32.02 -27.07 20.04
CA VAL B 404 -32.24 -25.65 19.85
C VAL B 404 -33.07 -25.33 18.63
N PHE B 405 -32.92 -26.12 17.58
CA PHE B 405 -33.67 -25.96 16.34
C PHE B 405 -35.19 -25.94 16.59
N HIS B 406 -35.65 -26.83 17.47
CA HIS B 406 -37.08 -26.96 17.79
C HIS B 406 -37.56 -26.02 18.90
N GLN B 407 -36.69 -25.11 19.34
CA GLN B 407 -37.02 -24.16 20.38
C GLN B 407 -37.31 -22.76 19.84
N GLU B 408 -38.50 -22.24 20.14
CA GLU B 408 -38.83 -20.89 19.71
C GLU B 408 -38.04 -19.96 20.60
N MET B 409 -37.48 -18.90 20.02
CA MET B 409 -36.68 -17.97 20.80
C MET B 409 -37.03 -16.53 20.49
N LEU B 410 -36.71 -15.67 21.44
CA LEU B 410 -36.96 -14.24 21.33
C LEU B 410 -35.63 -13.51 21.36
N ASN B 411 -35.40 -12.67 20.35
CA ASN B 411 -34.16 -11.90 20.22
C ASN B 411 -34.40 -10.41 20.52
N TYR B 412 -33.69 -9.89 21.51
CA TYR B 412 -33.79 -8.49 21.90
C TYR B 412 -32.47 -8.01 22.52
N VAL B 413 -32.26 -6.70 22.49
CA VAL B 413 -31.04 -6.10 23.02
C VAL B 413 -31.21 -5.48 24.40
N LEU B 414 -30.49 -6.04 25.38
CA LEU B 414 -30.54 -5.55 26.76
C LEU B 414 -29.31 -4.69 27.04
N SER B 415 -29.00 -4.46 28.31
CA SER B 415 -27.85 -3.67 28.69
C SER B 415 -27.43 -4.10 30.09
N PRO B 416 -26.11 -4.31 30.33
CA PRO B 416 -24.94 -4.18 29.45
C PRO B 416 -25.05 -5.07 28.20
N PHE B 417 -24.27 -4.74 27.17
CA PHE B 417 -24.31 -5.46 25.89
C PHE B 417 -23.01 -5.29 25.11
N TYR B 418 -22.71 -6.30 24.27
CA TYR B 418 -21.53 -6.28 23.41
C TYR B 418 -22.00 -5.96 21.98
N TYR B 419 -21.65 -4.78 21.49
CA TYR B 419 -22.05 -4.34 20.16
C TYR B 419 -20.94 -4.46 19.12
N TYR B 420 -21.32 -4.40 17.86
CA TYR B 420 -20.35 -4.40 16.77
C TYR B 420 -19.93 -2.93 16.61
N GLN B 421 -18.89 -2.68 15.83
CA GLN B 421 -18.44 -1.31 15.59
C GLN B 421 -18.17 -1.13 14.11
N ILE B 422 -18.04 0.12 13.69
CA ILE B 422 -17.73 0.43 12.30
C ILE B 422 -16.25 0.15 12.17
N GLU B 423 -15.84 -0.47 11.07
CA GLU B 423 -14.44 -0.77 10.81
C GLU B 423 -13.64 0.52 11.02
N PRO B 424 -12.65 0.48 11.94
CA PRO B 424 -11.79 1.61 12.30
C PRO B 424 -11.07 2.28 11.13
N TRP B 425 -10.64 1.50 10.13
CA TRP B 425 -9.95 2.05 8.98
C TRP B 425 -10.85 2.91 8.08
N LYS B 426 -12.14 2.94 8.40
CA LYS B 426 -13.10 3.74 7.62
C LYS B 426 -13.37 5.08 8.28
N THR B 427 -13.20 5.15 9.60
CA THR B 427 -13.46 6.37 10.34
C THR B 427 -12.21 7.09 10.84
N HIS B 428 -11.13 6.34 11.05
CA HIS B 428 -9.88 6.89 11.56
C HIS B 428 -9.26 8.00 10.71
N ILE B 429 -8.90 9.09 11.37
CA ILE B 429 -8.28 10.22 10.70
C ILE B 429 -6.77 10.11 10.98
N TRP B 430 -6.01 9.76 9.95
CA TRP B 430 -4.56 9.59 10.08
C TRP B 430 -3.80 10.86 10.47
N GLN B 431 -2.80 10.69 11.34
CA GLN B 431 -1.99 11.81 11.81
C GLN B 431 -0.82 12.06 10.85
N ASN B 432 0.09 11.09 10.76
CA ASN B 432 1.26 11.20 9.88
C ASN B 432 1.37 9.99 8.96
CHA HEM C . 21.95 12.60 -21.16
CHB HEM C . 22.33 10.58 -25.57
CHC HEM C . 19.10 13.74 -27.25
CHD HEM C . 19.08 16.03 -23.00
C1A HEM C . 22.24 11.72 -22.19
C2A HEM C . 22.99 10.49 -22.03
C3A HEM C . 23.12 9.96 -23.29
C4A HEM C . 22.43 10.82 -24.20
CMA HEM C . 23.87 8.67 -23.62
CAA HEM C . 23.43 9.86 -20.71
CBA HEM C . 22.29 9.03 -20.09
CGA HEM C . 22.60 8.46 -18.71
O1A HEM C . 21.70 8.48 -17.84
O2A HEM C . 23.73 7.99 -18.49
C1B HEM C . 21.58 11.34 -26.44
C2B HEM C . 21.39 11.01 -27.81
C3B HEM C . 20.48 11.86 -28.30
C4B HEM C . 20.10 12.76 -27.23
CMB HEM C . 22.04 9.86 -28.58
CAB HEM C . 19.94 11.72 -29.57
CBB HEM C . 19.86 12.73 -30.49
C1C HEM C . 18.75 14.62 -26.21
C2C HEM C . 17.68 15.56 -26.28
C3C HEM C . 17.73 16.26 -25.09
C4C HEM C . 18.80 15.70 -24.32
CMC HEM C . 16.70 15.72 -27.46
CAC HEM C . 16.89 17.28 -24.65
CBC HEM C . 16.14 18.21 -25.40
C1D HEM C . 19.93 15.35 -22.15
C2D HEM C . 20.09 15.63 -20.76
C3D HEM C . 20.86 14.67 -20.25
C4D HEM C . 21.21 13.80 -21.31
CMD HEM C . 19.53 16.80 -19.97
CAD HEM C . 21.15 14.48 -18.78
CBD HEM C . 20.09 13.53 -18.19
CGD HEM C . 20.38 13.15 -16.75
O1D HEM C . 19.93 12.06 -16.32
O2D HEM C . 21.06 13.92 -16.05
NA HEM C . 21.88 11.90 -23.52
NB HEM C . 20.81 12.45 -26.07
NC HEM C . 19.43 14.69 -25.00
ND HEM C . 20.63 14.22 -22.48
FE HEM C . 21.00 13.55 -24.39
N1 H4B D . 27.92 8.65 -16.53
C2 H4B D . 26.75 8.54 -17.17
N2 H4B D . 26.68 8.82 -18.47
N3 H4B D . 25.65 8.12 -16.55
C4 H4B D . 25.68 7.79 -15.26
O4 H4B D . 24.68 7.38 -14.66
C4A H4B D . 26.88 7.92 -14.53
C8A H4B D . 28.03 8.32 -15.25
N5 H4B D . 26.95 7.67 -13.22
N8 H4B D . 29.21 8.37 -14.63
C6 H4B D . 28.04 8.00 -12.54
C7 H4B D . 29.25 8.32 -13.24
C9 H4B D . 28.04 7.67 -11.04
O9 H4B D . 28.25 6.27 -10.84
C10 H4B D . 29.16 8.46 -10.33
C11 H4B D . 29.23 8.12 -8.84
O10 H4B D . 28.94 9.86 -10.51
F1 XXZ E . 18.41 9.86 -25.68
C2 XXZ E . 18.38 10.46 -24.49
C3 XXZ E . 18.10 11.82 -24.40
C4 XXZ E . 18.07 12.46 -23.16
C1 XXZ E . 18.31 11.70 -22.01
C6 XXZ E . 18.59 10.33 -22.11
C7 XXZ E . 18.64 9.67 -23.36
CG XXZ E . 19.35 8.32 -23.36
N20 XXZ E . 19.32 7.58 -22.21
N21 XXZ E . 19.94 7.81 -24.42
N1 XXZ E . 18.85 9.43 -20.87
C5 XXZ E . 18.63 8.04 -21.01
C10 XXZ E . 19.13 7.50 -19.70
C11 XXZ E . 18.93 5.98 -19.65
N12 XXZ E . 17.49 5.64 -19.87
C13 XXZ E . 16.97 6.13 -21.14
C14 XXZ E . 17.11 7.68 -21.11
C15 XXZ E . 16.65 4.94 -19.02
O16 XXZ E . 15.48 4.71 -19.34
C18 XXZ E . 17.14 3.12 -17.40
NH XXZ E . 19.59 4.23 -13.35
CB XXZ E . 18.66 3.25 -13.91
C8 XXZ E . 18.14 3.68 -15.25
CD1 XXZ E . 18.17 5.06 -15.58
CE1 XXZ E . 17.68 5.46 -16.83
CD2 XXZ E . 17.63 2.71 -16.15
CZ XXZ E . 17.17 4.48 -17.73
CHA HEM F . -20.50 -15.90 19.89
CHB HEM F . -18.96 -20.04 21.94
CHC HEM F . -17.51 -17.52 25.82
CHD HEM F . -19.34 -13.41 23.91
C1A HEM F . -20.09 -17.21 20.08
C2A HEM F . -20.16 -18.23 19.07
C3A HEM F . -19.78 -19.37 19.68
C4A HEM F . -19.46 -19.08 21.04
CMA HEM F . -19.69 -20.71 18.98
CAA HEM F . -20.45 -18.10 17.56
CBA HEM F . -19.19 -17.72 16.78
CGA HEM F . -19.46 -17.39 15.32
O1A HEM F . -18.81 -16.46 14.77
O2A HEM F . -20.31 -18.06 14.69
C1B HEM F . -18.54 -19.73 23.22
C2B HEM F . -17.97 -20.66 24.15
C3B HEM F . -17.54 -19.97 25.21
C4B HEM F . -17.85 -18.58 24.99
CMB HEM F . -17.84 -22.16 24.00
CAB HEM F . -16.82 -20.56 26.22
CBB HEM F . -17.02 -20.48 27.58
C1C HEM F . -17.86 -16.17 25.61
C2C HEM F . -17.39 -15.06 26.42
C3C HEM F . -17.95 -13.92 25.90
C4C HEM F . -18.73 -14.32 24.77
CMC HEM F . -16.35 -15.21 27.54
CAC HEM F . -17.89 -12.59 26.35
CBC HEM F . -17.47 -12.14 27.60
C1D HEM F . -19.92 -13.76 22.68
C2D HEM F . -20.46 -12.81 21.74
C3D HEM F . -20.76 -13.52 20.62
C4D HEM F . -20.44 -14.90 20.88
CMD HEM F . -20.69 -11.30 21.91
CAD HEM F . -21.19 -12.95 19.26
CBD HEM F . -19.96 -12.54 18.46
CGD HEM F . -20.29 -12.06 17.05
O1D HEM F . -19.44 -12.21 16.15
O2D HEM F . -21.41 -11.56 16.84
NA HEM F . -19.64 -17.73 21.30
NB HEM F . -18.50 -18.44 23.76
NC HEM F . -18.67 -15.71 24.57
ND HEM F . -19.94 -15.06 22.15
FE HEM F . -19.50 -16.80 23.10
N1 H4B G . -24.49 -18.47 12.75
C2 H4B G . -23.34 -18.32 13.41
N2 H4B G . -23.20 -18.87 14.61
N3 H4B G . -22.31 -17.65 12.87
C4 H4B G . -22.41 -17.11 11.66
O4 H4B G . -21.45 -16.57 11.10
C4A H4B G . -23.64 -17.16 10.97
C8A H4B G . -24.69 -17.90 11.56
N5 H4B G . -23.83 -16.53 9.80
N8 H4B G . -25.86 -18.01 10.95
C6 H4B G . -25.05 -16.48 9.27
C7 H4B G . -26.12 -17.28 9.80
C9 H4B G . -25.16 -15.74 7.93
O9 H4B G . -24.69 -16.57 6.86
C10 H4B G . -26.63 -15.38 7.67
C11 H4B G . -26.80 -14.68 6.31
O10 H4B G . -27.13 -14.52 8.71
F1 XXZ H . -15.38 -18.71 22.38
C2 XXZ H . -15.80 -17.59 21.84
C3 XXZ H . -16.18 -16.54 22.66
C4 XXZ H . -16.61 -15.34 22.12
C1 XXZ H . -16.67 -15.19 20.74
C6 XXZ H . -16.29 -16.24 19.90
C7 XXZ H . -15.84 -17.47 20.44
CG XXZ H . -15.81 -18.62 19.43
N20 XXZ H . -15.63 -18.32 18.12
N21 XXZ H . -15.90 -19.89 19.78
N1 XXZ H . -16.32 -16.10 18.36
C5 XXZ H . -15.46 -16.95 17.63
C10 XXZ H . -15.88 -16.69 16.22
C11 XXZ H . -15.00 -17.51 15.25
N12 XXZ H . -13.55 -17.18 15.46
C13 XXZ H . -13.10 -17.41 16.82
C14 XXZ H . -13.96 -16.51 17.75
C15 XXZ H . -12.65 -16.70 14.51
O16 XXZ H . -11.48 -16.50 14.80
C18 XXZ H . -12.46 -17.01 12.04
NH XXZ H . -15.87 -15.07 9.12
CB XXZ H . -14.47 -15.51 9.17
C8 XXZ H . -14.01 -15.83 10.57
CD1 XXZ H . -14.69 -15.25 11.67
CE1 XXZ H . -14.23 -15.54 12.97
CD2 XXZ H . -12.91 -16.69 10.75
CZ XXZ H . -13.12 -16.43 13.14
#